data_1BD1
# 
_entry.id   1BD1 
# 
_audit_conform.dict_name       mmcif_pdbx.dic 
_audit_conform.dict_version    5.385 
_audit_conform.dict_location   http://mmcif.pdb.org/dictionaries/ascii/mmcif_pdbx.dic 
# 
loop_
_database_2.database_id 
_database_2.database_code 
_database_2.pdbx_database_accession 
_database_2.pdbx_DOI 
PDB   1BD1         pdb_00001bd1 10.2210/pdb1bd1/pdb 
RCSB  BDJ017       ?            ?                   
WWPDB D_1000171608 ?            ?                   
# 
loop_
_pdbx_audit_revision_history.ordinal 
_pdbx_audit_revision_history.data_content_type 
_pdbx_audit_revision_history.major_revision 
_pdbx_audit_revision_history.minor_revision 
_pdbx_audit_revision_history.revision_date 
1 'Structure model' 1 0 1990-01-15 
2 'Structure model' 1 1 2008-05-22 
3 'Structure model' 1 2 2011-07-13 
4 'Structure model' 1 3 2024-02-07 
# 
_pdbx_audit_revision_details.ordinal             1 
_pdbx_audit_revision_details.revision_ordinal    1 
_pdbx_audit_revision_details.data_content_type   'Structure model' 
_pdbx_audit_revision_details.provider            repository 
_pdbx_audit_revision_details.type                'Initial release' 
_pdbx_audit_revision_details.description         ? 
_pdbx_audit_revision_details.details             ? 
# 
loop_
_pdbx_audit_revision_group.ordinal 
_pdbx_audit_revision_group.revision_ordinal 
_pdbx_audit_revision_group.data_content_type 
_pdbx_audit_revision_group.group 
1 2 'Structure model' 'Version format compliance' 
2 3 'Structure model' 'Version format compliance' 
3 4 'Structure model' 'Data collection'           
4 4 'Structure model' 'Database references'       
5 4 'Structure model' 'Derived calculations'      
# 
loop_
_pdbx_audit_revision_category.ordinal 
_pdbx_audit_revision_category.revision_ordinal 
_pdbx_audit_revision_category.data_content_type 
_pdbx_audit_revision_category.category 
1 4 'Structure model' chem_comp_atom 
2 4 'Structure model' chem_comp_bond 
3 4 'Structure model' database_2     
4 4 'Structure model' struct_site    
# 
loop_
_pdbx_audit_revision_item.ordinal 
_pdbx_audit_revision_item.revision_ordinal 
_pdbx_audit_revision_item.data_content_type 
_pdbx_audit_revision_item.item 
1 4 'Structure model' '_database_2.pdbx_DOI'                
2 4 'Structure model' '_database_2.pdbx_database_accession' 
3 4 'Structure model' '_struct_site.pdbx_auth_asym_id'      
4 4 'Structure model' '_struct_site.pdbx_auth_comp_id'      
5 4 'Structure model' '_struct_site.pdbx_auth_seq_id'       
# 
_pdbx_database_status.status_code                     REL 
_pdbx_database_status.entry_id                        1BD1 
_pdbx_database_status.recvd_initial_deposition_date   1989-08-16 
_pdbx_database_status.deposit_site                    BNL 
_pdbx_database_status.process_site                    BNL 
_pdbx_database_status.status_code_sf                  REL 
_pdbx_database_status.status_code_mr                  ? 
_pdbx_database_status.SG_entry                        ? 
_pdbx_database_status.pdb_format_compatible           Y 
_pdbx_database_status.status_code_cs                  ? 
_pdbx_database_status.status_code_nmr_data            ? 
_pdbx_database_status.methods_development_category    ? 
# 
_audit_author.name           'Heinemann, U.' 
_audit_author.pdbx_ordinal   1 
# 
loop_
_citation.id 
_citation.title 
_citation.journal_abbrev 
_citation.journal_volume 
_citation.page_first 
_citation.page_last 
_citation.year 
_citation.journal_id_ASTM 
_citation.country 
_citation.journal_id_ISSN 
_citation.journal_id_CSD 
_citation.book_publisher 
_citation.pdbx_database_id_PubMed 
_citation.pdbx_database_id_DOI 
primary 'Crystallographic study of one turn of G/C-rich B-DNA.'                  J.Mol.Biol.                          210 369 381 
1989 JMOBAK UK 0022-2836     0070 ?                           2600970 '10.1016/0022-2836(89)90337-9' 
1       'Structural Features of G/C-Rich DNA Going A or B'                       'Structure and Methods. DNA and RNA' 3   39  53  
1989 ?      ?  0-940030-31-4 0810 'Adenine Press, Albany, NY' ?       ?                              
2       'X-Ray Studies of DNA Aiming at Elucidating the Sequence-Structure Code' 'Nucleosides and Nucleotides'        9   349 354 
1990 NUNUD5 US 0732-8311     0653 ?                           ?       ?                              
# 
loop_
_citation_author.citation_id 
_citation_author.name 
_citation_author.ordinal 
_citation_author.identifier_ORCID 
primary 'Heinemann, U.' 1 ? 
primary 'Alings, C.'    2 ? 
1       'Heinemann, U.' 3 ? 
1       'Alings, C.'    4 ? 
1       'Lauble, H.'    5 ? 
2       'Heinemann, U.' 6 ? 
2       'Alings, C.'    7 ? 
2       'Lauble, H.'    8 ? 
# 
loop_
_entity.id 
_entity.type 
_entity.src_method 
_entity.pdbx_description 
_entity.formula_weight 
_entity.pdbx_number_of_molecules 
_entity.pdbx_ec 
_entity.pdbx_mutation 
_entity.pdbx_fragment 
_entity.details 
1 polymer     syn 
;DNA (5'-D(*CP*CP*AP*GP*GP*CP*CP*TP*GP*G)-3')
;
3045.992 1  ? ? ? ? 
2 non-polymer syn 'TRIETHYLAMMONIUM ION'                         102.198  2  ? ? ? ? 
3 water       nat water                                          18.015   41 ? ? ? ? 
# 
_entity_poly.entity_id                      1 
_entity_poly.type                           polydeoxyribonucleotide 
_entity_poly.nstd_linkage                   no 
_entity_poly.nstd_monomer                   no 
_entity_poly.pdbx_seq_one_letter_code       '(DC)(DC)(DA)(DG)(DG)(DC)(DC)(DT)(DG)(DG)' 
_entity_poly.pdbx_seq_one_letter_code_can   CCAGGCCTGG 
_entity_poly.pdbx_strand_id                 A 
_entity_poly.pdbx_target_identifier         ? 
# 
loop_
_pdbx_entity_nonpoly.entity_id 
_pdbx_entity_nonpoly.name 
_pdbx_entity_nonpoly.comp_id 
2 'TRIETHYLAMMONIUM ION' TEA 
3 water                  HOH 
# 
loop_
_entity_poly_seq.entity_id 
_entity_poly_seq.num 
_entity_poly_seq.mon_id 
_entity_poly_seq.hetero 
1 1  DC n 
1 2  DC n 
1 3  DA n 
1 4  DG n 
1 5  DG n 
1 6  DC n 
1 7  DC n 
1 8  DT n 
1 9  DG n 
1 10 DG n 
# 
loop_
_chem_comp.id 
_chem_comp.type 
_chem_comp.mon_nstd_flag 
_chem_comp.name 
_chem_comp.pdbx_synonyms 
_chem_comp.formula 
_chem_comp.formula_weight 
DA  'DNA linking' y "2'-DEOXYADENOSINE-5'-MONOPHOSPHATE" ? 'C10 H14 N5 O6 P' 331.222 
DC  'DNA linking' y "2'-DEOXYCYTIDINE-5'-MONOPHOSPHATE"  ? 'C9 H14 N3 O7 P'  307.197 
DG  'DNA linking' y "2'-DEOXYGUANOSINE-5'-MONOPHOSPHATE" ? 'C10 H14 N5 O7 P' 347.221 
DT  'DNA linking' y "THYMIDINE-5'-MONOPHOSPHATE"         ? 'C10 H15 N2 O8 P' 322.208 
HOH non-polymer   . WATER                                ? 'H2 O'            18.015  
TEA non-polymer   . 'TRIETHYLAMMONIUM ION'               ? 'C6 H16 N 1'      102.198 
# 
loop_
_pdbx_poly_seq_scheme.asym_id 
_pdbx_poly_seq_scheme.entity_id 
_pdbx_poly_seq_scheme.seq_id 
_pdbx_poly_seq_scheme.mon_id 
_pdbx_poly_seq_scheme.ndb_seq_num 
_pdbx_poly_seq_scheme.pdb_seq_num 
_pdbx_poly_seq_scheme.auth_seq_num 
_pdbx_poly_seq_scheme.pdb_mon_id 
_pdbx_poly_seq_scheme.auth_mon_id 
_pdbx_poly_seq_scheme.pdb_strand_id 
_pdbx_poly_seq_scheme.pdb_ins_code 
_pdbx_poly_seq_scheme.hetero 
A 1 1  DC 1  1  1  DC C A . n 
A 1 2  DC 2  2  2  DC C A . n 
A 1 3  DA 3  3  3  DA A A . n 
A 1 4  DG 4  4  4  DG G A . n 
A 1 5  DG 5  5  5  DG G A . n 
A 1 6  DC 6  6  6  DC C A . n 
A 1 7  DC 7  7  7  DC C A . n 
A 1 8  DT 8  8  8  DT T A . n 
A 1 9  DG 9  9  9  DG G A . n 
A 1 10 DG 10 10 10 DG G A . n 
# 
loop_
_pdbx_nonpoly_scheme.asym_id 
_pdbx_nonpoly_scheme.entity_id 
_pdbx_nonpoly_scheme.mon_id 
_pdbx_nonpoly_scheme.ndb_seq_num 
_pdbx_nonpoly_scheme.pdb_seq_num 
_pdbx_nonpoly_scheme.auth_seq_num 
_pdbx_nonpoly_scheme.pdb_mon_id 
_pdbx_nonpoly_scheme.auth_mon_id 
_pdbx_nonpoly_scheme.pdb_strand_id 
_pdbx_nonpoly_scheme.pdb_ins_code 
B 2 TEA 1  11 11 TEA TEA A . 
C 2 TEA 1  12 12 TEA TEA A . 
D 3 HOH 1  13 13 HOH HOH A . 
D 3 HOH 2  14 14 HOH HOH A . 
D 3 HOH 3  15 15 HOH HOH A . 
D 3 HOH 4  16 16 HOH HOH A . 
D 3 HOH 5  17 17 HOH HOH A . 
D 3 HOH 6  18 18 HOH HOH A . 
D 3 HOH 7  19 19 HOH HOH A . 
D 3 HOH 8  20 20 HOH HOH A . 
D 3 HOH 9  21 21 HOH HOH A . 
D 3 HOH 10 22 22 HOH HOH A . 
D 3 HOH 11 23 23 HOH HOH A . 
D 3 HOH 12 24 24 HOH HOH A . 
D 3 HOH 13 25 25 HOH HOH A . 
D 3 HOH 14 26 26 HOH HOH A . 
D 3 HOH 15 27 27 HOH HOH A . 
D 3 HOH 16 28 28 HOH HOH A . 
D 3 HOH 17 29 29 HOH HOH A . 
D 3 HOH 18 30 30 HOH HOH A . 
D 3 HOH 19 31 31 HOH HOH A . 
D 3 HOH 20 32 32 HOH HOH A . 
D 3 HOH 21 33 33 HOH HOH A . 
D 3 HOH 22 34 34 HOH HOH A . 
D 3 HOH 23 35 35 HOH HOH A . 
D 3 HOH 24 36 36 HOH HOH A . 
D 3 HOH 25 37 37 HOH HOH A . 
D 3 HOH 26 38 38 HOH HOH A . 
D 3 HOH 27 39 39 HOH HOH A . 
D 3 HOH 28 40 40 HOH HOH A . 
D 3 HOH 29 41 41 HOH HOH A . 
D 3 HOH 30 42 42 HOH HOH A . 
D 3 HOH 31 43 43 HOH HOH A . 
D 3 HOH 32 44 44 HOH HOH A . 
D 3 HOH 33 45 45 HOH HOH A . 
D 3 HOH 34 46 46 HOH HOH A . 
D 3 HOH 35 47 47 HOH HOH A . 
D 3 HOH 36 48 48 HOH HOH A . 
D 3 HOH 37 49 49 HOH HOH A . 
D 3 HOH 38 50 50 HOH HOH A . 
D 3 HOH 39 51 51 HOH HOH A . 
D 3 HOH 40 52 52 HOH HOH A . 
D 3 HOH 41 53 53 HOH HOH A . 
# 
loop_
_pdbx_unobs_or_zero_occ_atoms.id 
_pdbx_unobs_or_zero_occ_atoms.PDB_model_num 
_pdbx_unobs_or_zero_occ_atoms.polymer_flag 
_pdbx_unobs_or_zero_occ_atoms.occupancy_flag 
_pdbx_unobs_or_zero_occ_atoms.auth_asym_id 
_pdbx_unobs_or_zero_occ_atoms.auth_comp_id 
_pdbx_unobs_or_zero_occ_atoms.auth_seq_id 
_pdbx_unobs_or_zero_occ_atoms.PDB_ins_code 
_pdbx_unobs_or_zero_occ_atoms.auth_atom_id 
_pdbx_unobs_or_zero_occ_atoms.label_alt_id 
_pdbx_unobs_or_zero_occ_atoms.label_asym_id 
_pdbx_unobs_or_zero_occ_atoms.label_comp_id 
_pdbx_unobs_or_zero_occ_atoms.label_seq_id 
_pdbx_unobs_or_zero_occ_atoms.label_atom_id 
1 1 N 1 A TEA 11 ? C12 ? B TEA 1 C12 
2 1 N 1 A TEA 11 ? C22 ? B TEA 1 C22 
3 1 N 1 A TEA 12 ? C12 ? C TEA 1 C12 
4 1 N 1 A TEA 12 ? C22 ? C TEA 1 C22 
# 
_software.name             NUCLSQ 
_software.classification   refinement 
_software.version          . 
_software.citation_id      ? 
_software.pdbx_ordinal     1 
# 
_cell.entry_id           1BD1 
_cell.length_a           32.150 
_cell.length_b           25.490 
_cell.length_c           34.820 
_cell.angle_alpha        90.00 
_cell.angle_beta         116.71 
_cell.angle_gamma        90.00 
_cell.Z_PDB              4 
_cell.pdbx_unique_axis   ? 
# 
_symmetry.entry_id                         1BD1 
_symmetry.space_group_name_H-M             'C 1 2 1' 
_symmetry.pdbx_full_space_group_name_H-M   ? 
_symmetry.cell_setting                     ? 
_symmetry.Int_Tables_number                5 
# 
_exptl.entry_id          1BD1 
_exptl.method            'X-RAY DIFFRACTION' 
_exptl.crystals_number   ? 
# 
_exptl_crystal.id                    1 
_exptl_crystal.density_meas          ? 
_exptl_crystal.density_Matthews      2.09 
_exptl_crystal.density_percent_sol   41.21 
_exptl_crystal.description           ? 
# 
_exptl_crystal_grow.crystal_id      1 
_exptl_crystal_grow.method          MICRODIALYSIS 
_exptl_crystal_grow.temp            277.00 
_exptl_crystal_grow.temp_details    ? 
_exptl_crystal_grow.pH              ? 
_exptl_crystal_grow.pdbx_details    'MICRODIALYSIS, temperature 277.00K' 
_exptl_crystal_grow.pdbx_pH_range   ? 
# 
loop_
_exptl_crystal_grow_comp.crystal_id 
_exptl_crystal_grow_comp.id 
_exptl_crystal_grow_comp.sol_id 
_exptl_crystal_grow_comp.name 
_exptl_crystal_grow_comp.volume 
_exptl_crystal_grow_comp.conc 
_exptl_crystal_grow_comp.details 
1 1 1 WATER                ? ? ? 
1 2 1 'ISOPROPANOL OR MPD' ? ? ? 
1 3 1 BIS-TRIS-PROPANE_HCL ? ? ? 
1 4 1 MGCL2                ? ? ? 
1 5 1 'ISOPROPANOL OR MPD' ? ? ? 
# 
_diffrn.id                     1 
_diffrn.ambient_temp           ? 
_diffrn.ambient_temp_details   'ROOM TEMPERATURE' 
_diffrn.crystal_id             1 
# 
_diffrn_detector.diffrn_id              1 
_diffrn_detector.detector               DIFFRACTOMETER 
_diffrn_detector.type                   ? 
_diffrn_detector.pdbx_collection_date   ? 
_diffrn_detector.details                ? 
# 
_diffrn_radiation.diffrn_id                        1 
_diffrn_radiation.wavelength_id                    1 
_diffrn_radiation.pdbx_monochromatic_or_laue_m_l   ? 
_diffrn_radiation.monochromator                    ? 
_diffrn_radiation.pdbx_diffrn_protocol             ? 
_diffrn_radiation.pdbx_scattering_type             x-ray 
# 
_diffrn_radiation_wavelength.id           1 
_diffrn_radiation_wavelength.wavelength   . 
_diffrn_radiation_wavelength.wt           1.0 
# 
_diffrn_source.diffrn_id                   1 
_diffrn_source.source                      'SEALED TUBE' 
_diffrn_source.type                        ? 
_diffrn_source.pdbx_synchrotron_site       ? 
_diffrn_source.pdbx_synchrotron_beamline   ? 
_diffrn_source.pdbx_wavelength             ? 
_diffrn_source.pdbx_wavelength_list        ? 
# 
_reflns.entry_id                     1BD1 
_reflns.observed_criterion_sigma_I   ? 
_reflns.observed_criterion_sigma_F   ? 
_reflns.d_resolution_low             ? 
_reflns.d_resolution_high            1.400 
_reflns.number_obs                   3062 
_reflns.number_all                   ? 
_reflns.percent_possible_obs         ? 
_reflns.pdbx_Rmerge_I_obs            ? 
_reflns.pdbx_Rsym_value              ? 
_reflns.pdbx_netI_over_sigmaI        ? 
_reflns.B_iso_Wilson_estimate        ? 
_reflns.pdbx_redundancy              ? 
_reflns.pdbx_diffrn_id               1 
_reflns.pdbx_ordinal                 1 
# 
_refine.entry_id                                 1BD1 
_refine.ls_number_reflns_obs                     2106 
_refine.ls_number_reflns_all                     ? 
_refine.pdbx_ls_sigma_I                          ? 
_refine.pdbx_ls_sigma_F                          3.000 
_refine.pdbx_data_cutoff_high_absF               ? 
_refine.pdbx_data_cutoff_low_absF                ? 
_refine.pdbx_data_cutoff_high_rms_absF           ? 
_refine.ls_d_res_low                             10.000 
_refine.ls_d_res_high                            1.600 
_refine.ls_percent_reflns_obs                    ? 
_refine.ls_R_factor_obs                          0.1600000 
_refine.ls_R_factor_all                          ? 
_refine.ls_R_factor_R_work                       ? 
_refine.ls_R_factor_R_free                       ? 
_refine.ls_R_factor_R_free_error                 ? 
_refine.ls_R_factor_R_free_error_details         ? 
_refine.ls_percent_reflns_R_free                 ? 
_refine.ls_number_reflns_R_free                  ? 
_refine.ls_number_parameters                     ? 
_refine.ls_number_restraints                     ? 
_refine.occupancy_min                            ? 
_refine.occupancy_max                            ? 
_refine.B_iso_mean                               ? 
_refine.aniso_B[1][1]                            ? 
_refine.aniso_B[2][2]                            ? 
_refine.aniso_B[3][3]                            ? 
_refine.aniso_B[1][2]                            ? 
_refine.aniso_B[1][3]                            ? 
_refine.aniso_B[2][3]                            ? 
_refine.solvent_model_details                    ? 
_refine.solvent_model_param_ksol                 ? 
_refine.solvent_model_param_bsol                 ? 
_refine.pdbx_ls_cross_valid_method               ? 
_refine.details                                  ? 
_refine.pdbx_starting_model                      ? 
_refine.pdbx_method_to_determine_struct          ? 
_refine.pdbx_isotropic_thermal_model             ? 
_refine.pdbx_stereochemistry_target_values       ? 
_refine.pdbx_stereochem_target_val_spec_case     ? 
_refine.pdbx_R_Free_selection_details            ? 
_refine.pdbx_overall_ESU_R                       ? 
_refine.pdbx_overall_ESU_R_Free                  ? 
_refine.overall_SU_ML                            ? 
_refine.overall_SU_B                             ? 
_refine.pdbx_refine_id                           'X-RAY DIFFRACTION' 
_refine.pdbx_diffrn_id                           1 
_refine.pdbx_TLS_residual_ADP_flag               ? 
_refine.correlation_coeff_Fo_to_Fc               ? 
_refine.correlation_coeff_Fo_to_Fc_free          ? 
_refine.pdbx_solvent_vdw_probe_radii             ? 
_refine.pdbx_solvent_ion_probe_radii             ? 
_refine.pdbx_solvent_shrinkage_radii             ? 
_refine.pdbx_overall_phase_error                 ? 
_refine.overall_SU_R_Cruickshank_DPI             ? 
_refine.pdbx_overall_SU_R_free_Cruickshank_DPI   ? 
_refine.pdbx_overall_SU_R_Blow_DPI               ? 
_refine.pdbx_overall_SU_R_free_Blow_DPI          ? 
# 
_refine_hist.pdbx_refine_id                   'X-RAY DIFFRACTION' 
_refine_hist.cycle_id                         LAST 
_refine_hist.pdbx_number_atoms_protein        0 
_refine_hist.pdbx_number_atoms_nucleic_acid   202 
_refine_hist.pdbx_number_atoms_ligand         10 
_refine_hist.number_atoms_solvent             41 
_refine_hist.number_atoms_total               253 
_refine_hist.d_res_high                       1.600 
_refine_hist.d_res_low                        10.000 
# 
loop_
_refine_ls_restr.type 
_refine_ls_restr.dev_ideal 
_refine_ls_restr.dev_ideal_target 
_refine_ls_restr.weight 
_refine_ls_restr.number 
_refine_ls_restr.pdbx_refine_id 
_refine_ls_restr.pdbx_restraint_function 
n_bond_d               ?     ?     ? ? 'X-RAY DIFFRACTION' ? 
n_angle_d              ?     ?     ? ? 'X-RAY DIFFRACTION' ? 
n_planar_d             ?     ?     ? ? 'X-RAY DIFFRACTION' ? 
n_hb_or_metal_coord    ?     ?     ? ? 'X-RAY DIFFRACTION' ? 
n_sugar_bond_it        3.430 5.000 ? ? 'X-RAY DIFFRACTION' ? 
n_sugar_angle_it       4.390 7.500 ? ? 'X-RAY DIFFRACTION' ? 
n_phos_bond_it         3.750 7.500 ? ? 'X-RAY DIFFRACTION' ? 
n_phos_angle_it        3.620 7.500 ? ? 'X-RAY DIFFRACTION' ? 
n_bond_angle_restr     ?     ?     ? ? 'X-RAY DIFFRACTION' ? 
n_dihedral_angle_restr ?     ?     ? ? 'X-RAY DIFFRACTION' ? 
n_impr_tor             ?     ?     ? ? 'X-RAY DIFFRACTION' ? 
n_sugar_bond_d         0.014 0.025 ? ? 'X-RAY DIFFRACTION' ? 
n_sugar_bond_angle_d   0.043 0.050 ? ? 'X-RAY DIFFRACTION' ? 
n_phos_bond_d          0.050 0.050 ? ? 'X-RAY DIFFRACTION' ? 
n_phos_bond_angle_d    0.073 0.075 ? ? 'X-RAY DIFFRACTION' ? 
n_plane_restr          0.025 0.030 ? ? 'X-RAY DIFFRACTION' ? 
n_chiral_restr         0.066 0.100 ? ? 'X-RAY DIFFRACTION' ? 
n_singtor_nbd          0.128 0.250 ? ? 'X-RAY DIFFRACTION' ? 
n_multtor_nbd          0.232 0.250 ? ? 'X-RAY DIFFRACTION' ? 
n_xhyhbond_nbd         ?     ?     ? ? 'X-RAY DIFFRACTION' ? 
# 
_struct.entry_id                  1BD1 
_struct.title                     'CRYSTALLOGRAPHIC STUDY OF ONE TURN OF G/C-RICH B-DNA' 
_struct.pdbx_model_details        ? 
_struct.pdbx_CASP_flag            ? 
_struct.pdbx_model_type_details   ? 
# 
_struct_keywords.entry_id        1BD1 
_struct_keywords.pdbx_keywords   DNA 
_struct_keywords.text            'B-DNA, DOUBLE HELIX, DNA' 
# 
loop_
_struct_asym.id 
_struct_asym.pdbx_blank_PDB_chainid_flag 
_struct_asym.pdbx_modified 
_struct_asym.entity_id 
_struct_asym.details 
A N N 1 ? 
B N N 2 ? 
C N N 2 ? 
D N N 3 ? 
# 
_struct_ref.id                         1 
_struct_ref.entity_id                  1 
_struct_ref.db_name                    PDB 
_struct_ref.db_code                    1BD1 
_struct_ref.pdbx_db_accession          1BD1 
_struct_ref.pdbx_db_isoform            ? 
_struct_ref.pdbx_seq_one_letter_code   ? 
_struct_ref.pdbx_align_begin           ? 
# 
_struct_ref_seq.align_id                      1 
_struct_ref_seq.ref_id                        1 
_struct_ref_seq.pdbx_PDB_id_code              1BD1 
_struct_ref_seq.pdbx_strand_id                A 
_struct_ref_seq.seq_align_beg                 1 
_struct_ref_seq.pdbx_seq_align_beg_ins_code   ? 
_struct_ref_seq.seq_align_end                 10 
_struct_ref_seq.pdbx_seq_align_end_ins_code   ? 
_struct_ref_seq.pdbx_db_accession             1BD1 
_struct_ref_seq.db_align_beg                  1 
_struct_ref_seq.pdbx_db_align_beg_ins_code    ? 
_struct_ref_seq.db_align_end                  10 
_struct_ref_seq.pdbx_db_align_end_ins_code    ? 
_struct_ref_seq.pdbx_auth_seq_align_beg       1 
_struct_ref_seq.pdbx_auth_seq_align_end       10 
# 
_pdbx_struct_assembly.id                   1 
_pdbx_struct_assembly.details              author_defined_assembly 
_pdbx_struct_assembly.method_details       ? 
_pdbx_struct_assembly.oligomeric_details   dimeric 
_pdbx_struct_assembly.oligomeric_count     2 
# 
_pdbx_struct_assembly_gen.assembly_id       1 
_pdbx_struct_assembly_gen.oper_expression   1,2 
_pdbx_struct_assembly_gen.asym_id_list      A,B,C,D 
# 
loop_
_pdbx_struct_oper_list.id 
_pdbx_struct_oper_list.type 
_pdbx_struct_oper_list.name 
_pdbx_struct_oper_list.symmetry_operation 
_pdbx_struct_oper_list.matrix[1][1] 
_pdbx_struct_oper_list.matrix[1][2] 
_pdbx_struct_oper_list.matrix[1][3] 
_pdbx_struct_oper_list.vector[1] 
_pdbx_struct_oper_list.matrix[2][1] 
_pdbx_struct_oper_list.matrix[2][2] 
_pdbx_struct_oper_list.matrix[2][3] 
_pdbx_struct_oper_list.vector[2] 
_pdbx_struct_oper_list.matrix[3][1] 
_pdbx_struct_oper_list.matrix[3][2] 
_pdbx_struct_oper_list.matrix[3][3] 
_pdbx_struct_oper_list.vector[3] 
1 'identity operation'         1_555 x,y,z   1.0000000000  0.0000000000  0.0000000000 0.0000000000  0.0000000000  1.0000000000 0.0000000000  0.0000000000 0.0000000000 0.0000000000  1.0000000000  0.0000000000 
2 'crystal symmetry operation' 2_555 -x,y,-z -0.9939767433 -0.0924112508 0.0589100535 -0.0976702587 -0.0924112508 0.4178109576 -0.9038219761 0.5631320684 0.0589100535 -0.9038219761 -0.4238342142 0.8933624865 
# 
_struct_biol.id   1 
# 
loop_
_struct_conn.id 
_struct_conn.conn_type_id 
_struct_conn.pdbx_leaving_atom_flag 
_struct_conn.pdbx_PDB_id 
_struct_conn.ptnr1_label_asym_id 
_struct_conn.ptnr1_label_comp_id 
_struct_conn.ptnr1_label_seq_id 
_struct_conn.ptnr1_label_atom_id 
_struct_conn.pdbx_ptnr1_label_alt_id 
_struct_conn.pdbx_ptnr1_PDB_ins_code 
_struct_conn.pdbx_ptnr1_standard_comp_id 
_struct_conn.ptnr1_symmetry 
_struct_conn.ptnr2_label_asym_id 
_struct_conn.ptnr2_label_comp_id 
_struct_conn.ptnr2_label_seq_id 
_struct_conn.ptnr2_label_atom_id 
_struct_conn.pdbx_ptnr2_label_alt_id 
_struct_conn.pdbx_ptnr2_PDB_ins_code 
_struct_conn.ptnr1_auth_asym_id 
_struct_conn.ptnr1_auth_comp_id 
_struct_conn.ptnr1_auth_seq_id 
_struct_conn.ptnr2_auth_asym_id 
_struct_conn.ptnr2_auth_comp_id 
_struct_conn.ptnr2_auth_seq_id 
_struct_conn.ptnr2_symmetry 
_struct_conn.pdbx_ptnr3_label_atom_id 
_struct_conn.pdbx_ptnr3_label_seq_id 
_struct_conn.pdbx_ptnr3_label_comp_id 
_struct_conn.pdbx_ptnr3_label_asym_id 
_struct_conn.pdbx_ptnr3_label_alt_id 
_struct_conn.pdbx_ptnr3_PDB_ins_code 
_struct_conn.details 
_struct_conn.pdbx_dist_value 
_struct_conn.pdbx_value_order 
_struct_conn.pdbx_role 
hydrog1  hydrog ? ? A DC 1  N3 ? ? ? 1_555 A DG 10 N1 ? ? A DC 1  A DG 10 2_555 ? ? ? ? ? ? WATSON-CRICK ? ? ? 
hydrog2  hydrog ? ? A DC 1  N4 ? ? ? 1_555 A DG 10 O6 ? ? A DC 1  A DG 10 2_555 ? ? ? ? ? ? WATSON-CRICK ? ? ? 
hydrog3  hydrog ? ? A DC 1  O2 ? ? ? 1_555 A DG 10 N2 ? ? A DC 1  A DG 10 2_555 ? ? ? ? ? ? WATSON-CRICK ? ? ? 
hydrog4  hydrog ? ? A DC 2  N3 ? ? ? 1_555 A DG 9  N1 ? ? A DC 2  A DG 9  2_555 ? ? ? ? ? ? WATSON-CRICK ? ? ? 
hydrog5  hydrog ? ? A DC 2  N4 ? ? ? 1_555 A DG 9  O6 ? ? A DC 2  A DG 9  2_555 ? ? ? ? ? ? WATSON-CRICK ? ? ? 
hydrog6  hydrog ? ? A DC 2  O2 ? ? ? 1_555 A DG 9  N2 ? ? A DC 2  A DG 9  2_555 ? ? ? ? ? ? WATSON-CRICK ? ? ? 
hydrog7  hydrog ? ? A DA 3  N1 ? ? ? 1_555 A DT 8  N3 ? ? A DA 3  A DT 8  2_555 ? ? ? ? ? ? WATSON-CRICK ? ? ? 
hydrog8  hydrog ? ? A DA 3  N6 ? ? ? 1_555 A DT 8  O4 ? ? A DA 3  A DT 8  2_555 ? ? ? ? ? ? WATSON-CRICK ? ? ? 
hydrog9  hydrog ? ? A DG 4  N1 ? ? ? 1_555 A DC 7  N3 ? ? A DG 4  A DC 7  2_555 ? ? ? ? ? ? WATSON-CRICK ? ? ? 
hydrog10 hydrog ? ? A DG 4  N2 ? ? ? 1_555 A DC 7  O2 ? ? A DG 4  A DC 7  2_555 ? ? ? ? ? ? WATSON-CRICK ? ? ? 
hydrog11 hydrog ? ? A DG 4  O6 ? ? ? 1_555 A DC 7  N4 ? ? A DG 4  A DC 7  2_555 ? ? ? ? ? ? WATSON-CRICK ? ? ? 
hydrog12 hydrog ? ? A DG 5  N1 ? ? ? 1_555 A DC 6  N3 ? ? A DG 5  A DC 6  2_555 ? ? ? ? ? ? WATSON-CRICK ? ? ? 
hydrog13 hydrog ? ? A DG 5  N2 ? ? ? 1_555 A DC 6  O2 ? ? A DG 5  A DC 6  2_555 ? ? ? ? ? ? WATSON-CRICK ? ? ? 
hydrog14 hydrog ? ? A DG 5  O6 ? ? ? 1_555 A DC 6  N4 ? ? A DG 5  A DC 6  2_555 ? ? ? ? ? ? WATSON-CRICK ? ? ? 
hydrog15 hydrog ? ? A DC 6  N3 ? ? ? 1_555 A DG 5  N1 ? ? A DC 6  A DG 5  2_555 ? ? ? ? ? ? WATSON-CRICK ? ? ? 
hydrog16 hydrog ? ? A DC 6  N4 ? ? ? 1_555 A DG 5  O6 ? ? A DC 6  A DG 5  2_555 ? ? ? ? ? ? WATSON-CRICK ? ? ? 
hydrog17 hydrog ? ? A DC 6  O2 ? ? ? 1_555 A DG 5  N2 ? ? A DC 6  A DG 5  2_555 ? ? ? ? ? ? WATSON-CRICK ? ? ? 
hydrog18 hydrog ? ? A DC 7  N3 ? ? ? 1_555 A DG 4  N1 ? ? A DC 7  A DG 4  2_555 ? ? ? ? ? ? WATSON-CRICK ? ? ? 
hydrog19 hydrog ? ? A DC 7  N4 ? ? ? 1_555 A DG 4  O6 ? ? A DC 7  A DG 4  2_555 ? ? ? ? ? ? WATSON-CRICK ? ? ? 
hydrog20 hydrog ? ? A DC 7  O2 ? ? ? 1_555 A DG 4  N2 ? ? A DC 7  A DG 4  2_555 ? ? ? ? ? ? WATSON-CRICK ? ? ? 
hydrog21 hydrog ? ? A DT 8  N3 ? ? ? 1_555 A DA 3  N1 ? ? A DT 8  A DA 3  2_555 ? ? ? ? ? ? WATSON-CRICK ? ? ? 
hydrog22 hydrog ? ? A DT 8  O4 ? ? ? 1_555 A DA 3  N6 ? ? A DT 8  A DA 3  2_555 ? ? ? ? ? ? WATSON-CRICK ? ? ? 
hydrog23 hydrog ? ? A DG 9  N1 ? ? ? 1_555 A DC 2  N3 ? ? A DG 9  A DC 2  2_555 ? ? ? ? ? ? WATSON-CRICK ? ? ? 
hydrog24 hydrog ? ? A DG 9  N2 ? ? ? 1_555 A DC 2  O2 ? ? A DG 9  A DC 2  2_555 ? ? ? ? ? ? WATSON-CRICK ? ? ? 
hydrog25 hydrog ? ? A DG 9  O6 ? ? ? 1_555 A DC 2  N4 ? ? A DG 9  A DC 2  2_555 ? ? ? ? ? ? WATSON-CRICK ? ? ? 
hydrog26 hydrog ? ? A DG 10 N1 ? ? ? 1_555 A DC 1  N3 ? ? A DG 10 A DC 1  2_555 ? ? ? ? ? ? WATSON-CRICK ? ? ? 
hydrog27 hydrog ? ? A DG 10 N2 ? ? ? 1_555 A DC 1  O2 ? ? A DG 10 A DC 1  2_555 ? ? ? ? ? ? WATSON-CRICK ? ? ? 
hydrog28 hydrog ? ? A DG 10 O6 ? ? ? 1_555 A DC 1  N4 ? ? A DG 10 A DC 1  2_555 ? ? ? ? ? ? WATSON-CRICK ? ? ? 
# 
_struct_conn_type.id          hydrog 
_struct_conn_type.criteria    ? 
_struct_conn_type.reference   ? 
# 
loop_
_struct_site.id 
_struct_site.pdbx_evidence_code 
_struct_site.pdbx_auth_asym_id 
_struct_site.pdbx_auth_comp_id 
_struct_site.pdbx_auth_seq_id 
_struct_site.pdbx_auth_ins_code 
_struct_site.pdbx_num_residues 
_struct_site.details 
AC1 Software A TEA 11 ? 7 'BINDING SITE FOR RESIDUE TEA A 11' 
AC2 Software A TEA 12 ? 4 'BINDING SITE FOR RESIDUE TEA A 12' 
# 
loop_
_struct_site_gen.id 
_struct_site_gen.site_id 
_struct_site_gen.pdbx_num_res 
_struct_site_gen.label_comp_id 
_struct_site_gen.label_asym_id 
_struct_site_gen.label_seq_id 
_struct_site_gen.pdbx_auth_ins_code 
_struct_site_gen.auth_comp_id 
_struct_site_gen.auth_asym_id 
_struct_site_gen.auth_seq_id 
_struct_site_gen.label_atom_id 
_struct_site_gen.label_alt_id 
_struct_site_gen.symmetry 
_struct_site_gen.details 
1  AC1 7 DC  A 2 ? DC  A 2  . ? 4_445 ? 
2  AC1 7 DG  A 5 ? DG  A 5  . ? 2_555 ? 
3  AC1 7 DT  A 8 ? DT  A 8  . ? 1_555 ? 
4  AC1 7 DG  A 9 ? DG  A 9  . ? 1_555 ? 
5  AC1 7 HOH D . ? HOH A 13 . ? 2_555 ? 
6  AC1 7 HOH D . ? HOH A 19 . ? 2_555 ? 
7  AC1 7 HOH D . ? HOH A 29 . ? 1_555 ? 
8  AC2 4 DA  A 3 ? DA  A 3  . ? 3_545 ? 
9  AC2 4 DC  A 6 ? DC  A 6  . ? 1_555 ? 
10 AC2 4 DC  A 7 ? DC  A 7  . ? 1_555 ? 
11 AC2 4 HOH D . ? HOH A 50 . ? 4_545 ? 
# 
loop_
_pdbx_validate_rmsd_bond.id 
_pdbx_validate_rmsd_bond.PDB_model_num 
_pdbx_validate_rmsd_bond.auth_atom_id_1 
_pdbx_validate_rmsd_bond.auth_asym_id_1 
_pdbx_validate_rmsd_bond.auth_comp_id_1 
_pdbx_validate_rmsd_bond.auth_seq_id_1 
_pdbx_validate_rmsd_bond.PDB_ins_code_1 
_pdbx_validate_rmsd_bond.label_alt_id_1 
_pdbx_validate_rmsd_bond.auth_atom_id_2 
_pdbx_validate_rmsd_bond.auth_asym_id_2 
_pdbx_validate_rmsd_bond.auth_comp_id_2 
_pdbx_validate_rmsd_bond.auth_seq_id_2 
_pdbx_validate_rmsd_bond.PDB_ins_code_2 
_pdbx_validate_rmsd_bond.label_alt_id_2 
_pdbx_validate_rmsd_bond.bond_value 
_pdbx_validate_rmsd_bond.bond_target_value 
_pdbx_validate_rmsd_bond.bond_deviation 
_pdbx_validate_rmsd_bond.bond_standard_deviation 
_pdbx_validate_rmsd_bond.linker_flag 
1 1 "O3'" A DC 2  ? ? P     A DA 3  ? ? 1.529 1.607 -0.078 0.012 Y 
2 1 P     A DA 3  ? ? "O5'" A DA 3  ? ? 1.675 1.593 0.082  0.010 N 
3 1 P     A DG 4  ? ? "O5'" A DG 4  ? ? 1.497 1.593 -0.096 0.010 N 
4 1 P     A DG 5  ? ? OP1   A DG 5  ? ? 1.375 1.485 -0.110 0.017 N 
5 1 "O3'" A DG 5  ? ? P     A DC 6  ? ? 1.700 1.607 0.093  0.012 Y 
6 1 P     A DC 7  ? ? "O5'" A DC 7  ? ? 1.732 1.593 0.139  0.010 N 
7 1 P     A DG 9  ? ? "O5'" A DG 9  ? ? 1.531 1.593 -0.062 0.010 N 
8 1 P     A DG 10 ? ? "O5'" A DG 10 ? ? 1.675 1.593 0.082  0.010 N 
# 
loop_
_pdbx_validate_rmsd_angle.id 
_pdbx_validate_rmsd_angle.PDB_model_num 
_pdbx_validate_rmsd_angle.auth_atom_id_1 
_pdbx_validate_rmsd_angle.auth_asym_id_1 
_pdbx_validate_rmsd_angle.auth_comp_id_1 
_pdbx_validate_rmsd_angle.auth_seq_id_1 
_pdbx_validate_rmsd_angle.PDB_ins_code_1 
_pdbx_validate_rmsd_angle.label_alt_id_1 
_pdbx_validate_rmsd_angle.auth_atom_id_2 
_pdbx_validate_rmsd_angle.auth_asym_id_2 
_pdbx_validate_rmsd_angle.auth_comp_id_2 
_pdbx_validate_rmsd_angle.auth_seq_id_2 
_pdbx_validate_rmsd_angle.PDB_ins_code_2 
_pdbx_validate_rmsd_angle.label_alt_id_2 
_pdbx_validate_rmsd_angle.auth_atom_id_3 
_pdbx_validate_rmsd_angle.auth_asym_id_3 
_pdbx_validate_rmsd_angle.auth_comp_id_3 
_pdbx_validate_rmsd_angle.auth_seq_id_3 
_pdbx_validate_rmsd_angle.PDB_ins_code_3 
_pdbx_validate_rmsd_angle.label_alt_id_3 
_pdbx_validate_rmsd_angle.angle_value 
_pdbx_validate_rmsd_angle.angle_target_value 
_pdbx_validate_rmsd_angle.angle_deviation 
_pdbx_validate_rmsd_angle.angle_standard_deviation 
_pdbx_validate_rmsd_angle.linker_flag 
1  1 "O4'" A DC 1  ? ? "C1'" A DC 1  ? ? N1    A DC 1  ? ? 99.40  108.00 -8.60  0.70 N 
2  1 C6    A DC 1  ? ? N1    A DC 1  ? ? C2    A DC 1  ? ? 123.15 120.30 2.85   0.40 N 
3  1 N1    A DC 1  ? ? C2    A DC 1  ? ? O2    A DC 1  ? ? 123.14 118.90 4.24   0.60 N 
4  1 OP1   A DC 2  ? ? P     A DC 2  ? ? OP2   A DC 2  ? ? 142.17 119.60 22.57  1.50 N 
5  1 "O5'" A DC 2  ? ? "C5'" A DC 2  ? ? "C4'" A DC 2  ? ? 104.41 109.40 -4.99  0.80 N 
6  1 "O4'" A DC 2  ? ? "C4'" A DC 2  ? ? "C3'" A DC 2  ? ? 102.05 104.50 -2.45  0.40 N 
7  1 "O4'" A DC 2  ? ? "C1'" A DC 2  ? ? "C2'" A DC 2  ? ? 98.58  105.90 -7.32  0.80 N 
8  1 "O3'" A DC 2  ? ? P     A DA 3  ? ? OP1   A DA 3  ? ? 117.68 110.50 7.18   1.10 Y 
9  1 "O4'" A DA 3  ? ? "C1'" A DA 3  ? ? N9    A DA 3  ? ? 102.06 108.00 -5.94  0.70 N 
10 1 C6    A DA 3  ? ? N1    A DA 3  ? ? C2    A DA 3  ? ? 126.36 118.60 7.76   0.60 N 
11 1 N1    A DA 3  ? ? C2    A DA 3  ? ? N3    A DA 3  ? ? 123.17 129.30 -6.13  0.50 N 
12 1 C5    A DA 3  ? ? C6    A DA 3  ? ? N1    A DA 3  ? ? 113.48 117.70 -4.22  0.50 N 
13 1 N1    A DA 3  ? ? C6    A DA 3  ? ? N6    A DA 3  ? ? 122.33 118.60 3.73   0.60 N 
14 1 "C3'" A DA 3  ? ? "O3'" A DA 3  ? ? P     A DG 4  ? ? 128.21 119.70 8.51   1.20 Y 
15 1 "C3'" A DG 4  ? ? "C2'" A DG 4  ? ? "C1'" A DG 4  ? ? 94.99  102.40 -7.41  0.80 N 
16 1 "O4'" A DG 4  ? ? "C1'" A DG 4  ? ? "C2'" A DG 4  ? ? 101.10 105.90 -4.80  0.80 N 
17 1 "O4'" A DG 4  ? ? "C1'" A DG 4  ? ? N9    A DG 4  ? ? 112.72 108.30 4.42   0.30 N 
18 1 C5    A DG 4  ? ? C6    A DG 4  ? ? O6    A DG 4  ? ? 124.04 128.60 -4.56  0.60 N 
19 1 "O5'" A DG 5  ? ? P     A DG 5  ? ? OP1   A DG 5  ? ? 121.07 110.70 10.37  1.20 N 
20 1 "O4'" A DG 5  ? ? "C1'" A DG 5  ? ? N9    A DG 5  ? ? 110.71 108.30 2.41   0.30 N 
21 1 "C3'" A DG 5  ? ? "O3'" A DG 5  ? ? P     A DC 6  ? ? 133.96 119.70 14.26  1.20 Y 
22 1 P     A DC 6  ? ? "O5'" A DC 6  ? ? "C5'" A DC 6  ? ? 138.23 120.90 17.33  1.60 N 
23 1 "C3'" A DC 6  ? ? "O3'" A DC 6  ? ? P     A DC 7  ? ? 127.50 119.70 7.80   1.20 Y 
24 1 OP1   A DC 7  ? ? P     A DC 7  ? ? OP2   A DC 7  ? ? 141.39 119.60 21.79  1.50 N 
25 1 "O5'" A DC 7  ? ? "C5'" A DC 7  ? ? "C4'" A DC 7  ? ? 104.06 109.40 -5.34  0.80 N 
26 1 "O4'" A DC 7  ? ? "C1'" A DC 7  ? ? N1    A DC 7  ? ? 101.80 108.00 -6.20  0.70 N 
27 1 "O4'" A DT 8  ? ? "C1'" A DT 8  ? ? N1    A DT 8  ? ? 110.21 108.30 1.91   0.30 N 
28 1 N1    A DT 8  ? ? C2    A DT 8  ? ? N3    A DT 8  ? ? 119.21 114.60 4.61   0.60 N 
29 1 C2    A DT 8  ? ? N3    A DT 8  ? ? C4    A DT 8  ? ? 120.07 127.20 -7.13  0.60 N 
30 1 N3    A DT 8  ? ? C4    A DT 8  ? ? C5    A DT 8  ? ? 120.55 115.20 5.35   0.60 N 
31 1 N3    A DT 8  ? ? C2    A DT 8  ? ? O2    A DT 8  ? ? 118.65 122.30 -3.65  0.60 N 
32 1 "C3'" A DT 8  ? ? "O3'" A DT 8  ? ? P     A DG 9  ? ? 132.48 119.70 12.78  1.20 Y 
33 1 OP1   A DG 9  ? ? P     A DG 9  ? ? OP2   A DG 9  ? ? 108.68 119.60 -10.92 1.50 N 
34 1 "O4'" A DG 9  ? ? "C4'" A DG 9  ? ? "C3'" A DG 9  ? ? 99.66  104.50 -4.84  0.40 N 
35 1 "C1'" A DG 9  ? ? "O4'" A DG 9  ? ? "C4'" A DG 9  ? ? 114.58 110.30 4.28   0.70 N 
36 1 N3    A DG 9  ? ? C4    A DG 9  ? ? C5    A DG 9  ? ? 125.43 128.60 -3.17  0.50 N 
37 1 C5    A DG 9  ? ? C6    A DG 9  ? ? N1    A DG 9  ? ? 115.47 111.50 3.97   0.50 N 
38 1 C4    A DG 9  ? ? C5    A DG 9  ? ? N7    A DG 9  ? ? 107.72 110.80 -3.08  0.40 N 
39 1 N3    A DG 9  ? ? C2    A DG 9  ? ? N2    A DG 9  ? ? 114.26 119.90 -5.64  0.70 N 
40 1 "O4'" A DG 10 ? ? "C1'" A DG 10 ? ? N9    A DG 10 ? ? 112.86 108.30 4.56   0.30 N 
41 1 N7    A DG 10 ? ? C8    A DG 10 ? ? N9    A DG 10 ? ? 116.30 113.10 3.20   0.50 N 
# 
_pdbx_struct_special_symmetry.id              1 
_pdbx_struct_special_symmetry.PDB_model_num   1 
_pdbx_struct_special_symmetry.auth_asym_id    A 
_pdbx_struct_special_symmetry.auth_comp_id    HOH 
_pdbx_struct_special_symmetry.auth_seq_id     40 
_pdbx_struct_special_symmetry.PDB_ins_code    ? 
_pdbx_struct_special_symmetry.label_asym_id   D 
_pdbx_struct_special_symmetry.label_comp_id   HOH 
_pdbx_struct_special_symmetry.label_seq_id    . 
# 
loop_
_refine_B_iso.class 
_refine_B_iso.details 
_refine_B_iso.treatment 
_refine_B_iso.pdbx_refine_id 
'ALL ATOMS'      TR isotropic 'X-RAY DIFFRACTION' 
'ALL WATERS'     TR isotropic 'X-RAY DIFFRACTION' 
'TWO (C2H5)3NH+' TR isotropic 'X-RAY DIFFRACTION' 
# 
loop_
_refine_occupancy.class 
_refine_occupancy.treatment 
_refine_occupancy.pdbx_refine_id 
'ALL ATOMS'      fix 'X-RAY DIFFRACTION' 
'ALL WATERS'     fix 'X-RAY DIFFRACTION' 
'TWO (C2H5)3NH+' fix 'X-RAY DIFFRACTION' 
# 
loop_
_chem_comp_atom.comp_id 
_chem_comp_atom.atom_id 
_chem_comp_atom.type_symbol 
_chem_comp_atom.pdbx_aromatic_flag 
_chem_comp_atom.pdbx_stereo_config 
_chem_comp_atom.pdbx_ordinal 
DA  OP3    O N N 1   
DA  P      P N N 2   
DA  OP1    O N N 3   
DA  OP2    O N N 4   
DA  "O5'"  O N N 5   
DA  "C5'"  C N N 6   
DA  "C4'"  C N R 7   
DA  "O4'"  O N N 8   
DA  "C3'"  C N S 9   
DA  "O3'"  O N N 10  
DA  "C2'"  C N N 11  
DA  "C1'"  C N R 12  
DA  N9     N Y N 13  
DA  C8     C Y N 14  
DA  N7     N Y N 15  
DA  C5     C Y N 16  
DA  C6     C Y N 17  
DA  N6     N N N 18  
DA  N1     N Y N 19  
DA  C2     C Y N 20  
DA  N3     N Y N 21  
DA  C4     C Y N 22  
DA  HOP3   H N N 23  
DA  HOP2   H N N 24  
DA  "H5'"  H N N 25  
DA  "H5''" H N N 26  
DA  "H4'"  H N N 27  
DA  "H3'"  H N N 28  
DA  "HO3'" H N N 29  
DA  "H2'"  H N N 30  
DA  "H2''" H N N 31  
DA  "H1'"  H N N 32  
DA  H8     H N N 33  
DA  H61    H N N 34  
DA  H62    H N N 35  
DA  H2     H N N 36  
DC  OP3    O N N 37  
DC  P      P N N 38  
DC  OP1    O N N 39  
DC  OP2    O N N 40  
DC  "O5'"  O N N 41  
DC  "C5'"  C N N 42  
DC  "C4'"  C N R 43  
DC  "O4'"  O N N 44  
DC  "C3'"  C N S 45  
DC  "O3'"  O N N 46  
DC  "C2'"  C N N 47  
DC  "C1'"  C N R 48  
DC  N1     N N N 49  
DC  C2     C N N 50  
DC  O2     O N N 51  
DC  N3     N N N 52  
DC  C4     C N N 53  
DC  N4     N N N 54  
DC  C5     C N N 55  
DC  C6     C N N 56  
DC  HOP3   H N N 57  
DC  HOP2   H N N 58  
DC  "H5'"  H N N 59  
DC  "H5''" H N N 60  
DC  "H4'"  H N N 61  
DC  "H3'"  H N N 62  
DC  "HO3'" H N N 63  
DC  "H2'"  H N N 64  
DC  "H2''" H N N 65  
DC  "H1'"  H N N 66  
DC  H41    H N N 67  
DC  H42    H N N 68  
DC  H5     H N N 69  
DC  H6     H N N 70  
DG  OP3    O N N 71  
DG  P      P N N 72  
DG  OP1    O N N 73  
DG  OP2    O N N 74  
DG  "O5'"  O N N 75  
DG  "C5'"  C N N 76  
DG  "C4'"  C N R 77  
DG  "O4'"  O N N 78  
DG  "C3'"  C N S 79  
DG  "O3'"  O N N 80  
DG  "C2'"  C N N 81  
DG  "C1'"  C N R 82  
DG  N9     N Y N 83  
DG  C8     C Y N 84  
DG  N7     N Y N 85  
DG  C5     C Y N 86  
DG  C6     C N N 87  
DG  O6     O N N 88  
DG  N1     N N N 89  
DG  C2     C N N 90  
DG  N2     N N N 91  
DG  N3     N N N 92  
DG  C4     C Y N 93  
DG  HOP3   H N N 94  
DG  HOP2   H N N 95  
DG  "H5'"  H N N 96  
DG  "H5''" H N N 97  
DG  "H4'"  H N N 98  
DG  "H3'"  H N N 99  
DG  "HO3'" H N N 100 
DG  "H2'"  H N N 101 
DG  "H2''" H N N 102 
DG  "H1'"  H N N 103 
DG  H8     H N N 104 
DG  H1     H N N 105 
DG  H21    H N N 106 
DG  H22    H N N 107 
DT  OP3    O N N 108 
DT  P      P N N 109 
DT  OP1    O N N 110 
DT  OP2    O N N 111 
DT  "O5'"  O N N 112 
DT  "C5'"  C N N 113 
DT  "C4'"  C N R 114 
DT  "O4'"  O N N 115 
DT  "C3'"  C N S 116 
DT  "O3'"  O N N 117 
DT  "C2'"  C N N 118 
DT  "C1'"  C N R 119 
DT  N1     N N N 120 
DT  C2     C N N 121 
DT  O2     O N N 122 
DT  N3     N N N 123 
DT  C4     C N N 124 
DT  O4     O N N 125 
DT  C5     C N N 126 
DT  C7     C N N 127 
DT  C6     C N N 128 
DT  HOP3   H N N 129 
DT  HOP2   H N N 130 
DT  "H5'"  H N N 131 
DT  "H5''" H N N 132 
DT  "H4'"  H N N 133 
DT  "H3'"  H N N 134 
DT  "HO3'" H N N 135 
DT  "H2'"  H N N 136 
DT  "H2''" H N N 137 
DT  "H1'"  H N N 138 
DT  H3     H N N 139 
DT  H71    H N N 140 
DT  H72    H N N 141 
DT  H73    H N N 142 
DT  H6     H N N 143 
HOH O      O N N 144 
HOH H1     H N N 145 
HOH H2     H N N 146 
TEA N      N N N 147 
TEA C11    C N N 148 
TEA C12    C N N 149 
TEA C21    C N N 150 
TEA C22    C N N 151 
TEA C31    C N N 152 
TEA C32    C N N 153 
TEA HN     H N N 154 
TEA H111   H N N 155 
TEA H112   H N N 156 
TEA H121   H N N 157 
TEA H122   H N N 158 
TEA H123   H N N 159 
TEA H211   H N N 160 
TEA H212   H N N 161 
TEA H221   H N N 162 
TEA H222   H N N 163 
TEA H223   H N N 164 
TEA H311   H N N 165 
TEA H312   H N N 166 
TEA H321   H N N 167 
TEA H322   H N N 168 
TEA H323   H N N 169 
# 
loop_
_chem_comp_bond.comp_id 
_chem_comp_bond.atom_id_1 
_chem_comp_bond.atom_id_2 
_chem_comp_bond.value_order 
_chem_comp_bond.pdbx_aromatic_flag 
_chem_comp_bond.pdbx_stereo_config 
_chem_comp_bond.pdbx_ordinal 
DA  OP3   P      sing N N 1   
DA  OP3   HOP3   sing N N 2   
DA  P     OP1    doub N N 3   
DA  P     OP2    sing N N 4   
DA  P     "O5'"  sing N N 5   
DA  OP2   HOP2   sing N N 6   
DA  "O5'" "C5'"  sing N N 7   
DA  "C5'" "C4'"  sing N N 8   
DA  "C5'" "H5'"  sing N N 9   
DA  "C5'" "H5''" sing N N 10  
DA  "C4'" "O4'"  sing N N 11  
DA  "C4'" "C3'"  sing N N 12  
DA  "C4'" "H4'"  sing N N 13  
DA  "O4'" "C1'"  sing N N 14  
DA  "C3'" "O3'"  sing N N 15  
DA  "C3'" "C2'"  sing N N 16  
DA  "C3'" "H3'"  sing N N 17  
DA  "O3'" "HO3'" sing N N 18  
DA  "C2'" "C1'"  sing N N 19  
DA  "C2'" "H2'"  sing N N 20  
DA  "C2'" "H2''" sing N N 21  
DA  "C1'" N9     sing N N 22  
DA  "C1'" "H1'"  sing N N 23  
DA  N9    C8     sing Y N 24  
DA  N9    C4     sing Y N 25  
DA  C8    N7     doub Y N 26  
DA  C8    H8     sing N N 27  
DA  N7    C5     sing Y N 28  
DA  C5    C6     sing Y N 29  
DA  C5    C4     doub Y N 30  
DA  C6    N6     sing N N 31  
DA  C6    N1     doub Y N 32  
DA  N6    H61    sing N N 33  
DA  N6    H62    sing N N 34  
DA  N1    C2     sing Y N 35  
DA  C2    N3     doub Y N 36  
DA  C2    H2     sing N N 37  
DA  N3    C4     sing Y N 38  
DC  OP3   P      sing N N 39  
DC  OP3   HOP3   sing N N 40  
DC  P     OP1    doub N N 41  
DC  P     OP2    sing N N 42  
DC  P     "O5'"  sing N N 43  
DC  OP2   HOP2   sing N N 44  
DC  "O5'" "C5'"  sing N N 45  
DC  "C5'" "C4'"  sing N N 46  
DC  "C5'" "H5'"  sing N N 47  
DC  "C5'" "H5''" sing N N 48  
DC  "C4'" "O4'"  sing N N 49  
DC  "C4'" "C3'"  sing N N 50  
DC  "C4'" "H4'"  sing N N 51  
DC  "O4'" "C1'"  sing N N 52  
DC  "C3'" "O3'"  sing N N 53  
DC  "C3'" "C2'"  sing N N 54  
DC  "C3'" "H3'"  sing N N 55  
DC  "O3'" "HO3'" sing N N 56  
DC  "C2'" "C1'"  sing N N 57  
DC  "C2'" "H2'"  sing N N 58  
DC  "C2'" "H2''" sing N N 59  
DC  "C1'" N1     sing N N 60  
DC  "C1'" "H1'"  sing N N 61  
DC  N1    C2     sing N N 62  
DC  N1    C6     sing N N 63  
DC  C2    O2     doub N N 64  
DC  C2    N3     sing N N 65  
DC  N3    C4     doub N N 66  
DC  C4    N4     sing N N 67  
DC  C4    C5     sing N N 68  
DC  N4    H41    sing N N 69  
DC  N4    H42    sing N N 70  
DC  C5    C6     doub N N 71  
DC  C5    H5     sing N N 72  
DC  C6    H6     sing N N 73  
DG  OP3   P      sing N N 74  
DG  OP3   HOP3   sing N N 75  
DG  P     OP1    doub N N 76  
DG  P     OP2    sing N N 77  
DG  P     "O5'"  sing N N 78  
DG  OP2   HOP2   sing N N 79  
DG  "O5'" "C5'"  sing N N 80  
DG  "C5'" "C4'"  sing N N 81  
DG  "C5'" "H5'"  sing N N 82  
DG  "C5'" "H5''" sing N N 83  
DG  "C4'" "O4'"  sing N N 84  
DG  "C4'" "C3'"  sing N N 85  
DG  "C4'" "H4'"  sing N N 86  
DG  "O4'" "C1'"  sing N N 87  
DG  "C3'" "O3'"  sing N N 88  
DG  "C3'" "C2'"  sing N N 89  
DG  "C3'" "H3'"  sing N N 90  
DG  "O3'" "HO3'" sing N N 91  
DG  "C2'" "C1'"  sing N N 92  
DG  "C2'" "H2'"  sing N N 93  
DG  "C2'" "H2''" sing N N 94  
DG  "C1'" N9     sing N N 95  
DG  "C1'" "H1'"  sing N N 96  
DG  N9    C8     sing Y N 97  
DG  N9    C4     sing Y N 98  
DG  C8    N7     doub Y N 99  
DG  C8    H8     sing N N 100 
DG  N7    C5     sing Y N 101 
DG  C5    C6     sing N N 102 
DG  C5    C4     doub Y N 103 
DG  C6    O6     doub N N 104 
DG  C6    N1     sing N N 105 
DG  N1    C2     sing N N 106 
DG  N1    H1     sing N N 107 
DG  C2    N2     sing N N 108 
DG  C2    N3     doub N N 109 
DG  N2    H21    sing N N 110 
DG  N2    H22    sing N N 111 
DG  N3    C4     sing N N 112 
DT  OP3   P      sing N N 113 
DT  OP3   HOP3   sing N N 114 
DT  P     OP1    doub N N 115 
DT  P     OP2    sing N N 116 
DT  P     "O5'"  sing N N 117 
DT  OP2   HOP2   sing N N 118 
DT  "O5'" "C5'"  sing N N 119 
DT  "C5'" "C4'"  sing N N 120 
DT  "C5'" "H5'"  sing N N 121 
DT  "C5'" "H5''" sing N N 122 
DT  "C4'" "O4'"  sing N N 123 
DT  "C4'" "C3'"  sing N N 124 
DT  "C4'" "H4'"  sing N N 125 
DT  "O4'" "C1'"  sing N N 126 
DT  "C3'" "O3'"  sing N N 127 
DT  "C3'" "C2'"  sing N N 128 
DT  "C3'" "H3'"  sing N N 129 
DT  "O3'" "HO3'" sing N N 130 
DT  "C2'" "C1'"  sing N N 131 
DT  "C2'" "H2'"  sing N N 132 
DT  "C2'" "H2''" sing N N 133 
DT  "C1'" N1     sing N N 134 
DT  "C1'" "H1'"  sing N N 135 
DT  N1    C2     sing N N 136 
DT  N1    C6     sing N N 137 
DT  C2    O2     doub N N 138 
DT  C2    N3     sing N N 139 
DT  N3    C4     sing N N 140 
DT  N3    H3     sing N N 141 
DT  C4    O4     doub N N 142 
DT  C4    C5     sing N N 143 
DT  C5    C7     sing N N 144 
DT  C5    C6     doub N N 145 
DT  C7    H71    sing N N 146 
DT  C7    H72    sing N N 147 
DT  C7    H73    sing N N 148 
DT  C6    H6     sing N N 149 
HOH O     H1     sing N N 150 
HOH O     H2     sing N N 151 
TEA N     C11    sing N N 152 
TEA N     C21    sing N N 153 
TEA N     C31    sing N N 154 
TEA N     HN     sing N N 155 
TEA C11   C12    sing N N 156 
TEA C11   H111   sing N N 157 
TEA C11   H112   sing N N 158 
TEA C12   H121   sing N N 159 
TEA C12   H122   sing N N 160 
TEA C12   H123   sing N N 161 
TEA C21   C22    sing N N 162 
TEA C21   H211   sing N N 163 
TEA C21   H212   sing N N 164 
TEA C22   H221   sing N N 165 
TEA C22   H222   sing N N 166 
TEA C22   H223   sing N N 167 
TEA C31   C32    sing N N 168 
TEA C31   H311   sing N N 169 
TEA C31   H312   sing N N 170 
TEA C32   H321   sing N N 171 
TEA C32   H322   sing N N 172 
TEA C32   H323   sing N N 173 
# 
_ndb_struct_conf_na.entry_id   1BD1 
_ndb_struct_conf_na.feature    'b-form double helix' 
# 
loop_
_ndb_struct_na_base_pair.model_number 
_ndb_struct_na_base_pair.i_label_asym_id 
_ndb_struct_na_base_pair.i_label_comp_id 
_ndb_struct_na_base_pair.i_label_seq_id 
_ndb_struct_na_base_pair.i_symmetry 
_ndb_struct_na_base_pair.j_label_asym_id 
_ndb_struct_na_base_pair.j_label_comp_id 
_ndb_struct_na_base_pair.j_label_seq_id 
_ndb_struct_na_base_pair.j_symmetry 
_ndb_struct_na_base_pair.shear 
_ndb_struct_na_base_pair.stretch 
_ndb_struct_na_base_pair.stagger 
_ndb_struct_na_base_pair.buckle 
_ndb_struct_na_base_pair.propeller 
_ndb_struct_na_base_pair.opening 
_ndb_struct_na_base_pair.pair_number 
_ndb_struct_na_base_pair.pair_name 
_ndb_struct_na_base_pair.i_auth_asym_id 
_ndb_struct_na_base_pair.i_auth_seq_id 
_ndb_struct_na_base_pair.i_PDB_ins_code 
_ndb_struct_na_base_pair.j_auth_asym_id 
_ndb_struct_na_base_pair.j_auth_seq_id 
_ndb_struct_na_base_pair.j_PDB_ins_code 
_ndb_struct_na_base_pair.hbond_type_28 
_ndb_struct_na_base_pair.hbond_type_12 
1 A DC 1  1_555 A DG 10 2_555 0.051  -0.111 0.312 -9.128 -6.889  -2.548 1  A_DC1:DG10_A A 1  ? A 10 ? 19 1 
1 A DC 2  1_555 A DG 9  2_555 0.088  -0.117 0.085 0.481  -9.219  -1.059 2  A_DC2:DG9_A  A 2  ? A 9  ? 19 1 
1 A DA 3  1_555 A DT 8  2_555 -0.016 -0.154 0.169 -2.052 -7.919  -0.527 3  A_DA3:DT8_A  A 3  ? A 8  ? 20 1 
1 A DG 4  1_555 A DC 7  2_555 0.048  -0.119 0.434 9.269  -5.332  -1.528 4  A_DG4:DC7_A  A 4  ? A 7  ? 19 1 
1 A DG 5  1_555 A DC 6  2_555 -0.048 -0.173 0.105 2.626  -13.075 -1.725 5  A_DG5:DC6_A  A 5  ? A 6  ? 19 1 
1 A DC 6  1_555 A DG 5  2_555 0.048  -0.173 0.105 -2.626 -13.075 -1.725 6  A_DC6:DG5_A  A 6  ? A 5  ? 19 1 
1 A DC 7  1_555 A DG 4  2_555 -0.048 -0.119 0.434 -9.269 -5.332  -1.528 7  A_DC7:DG4_A  A 7  ? A 4  ? 19 1 
1 A DT 8  1_555 A DA 3  2_555 0.016  -0.154 0.169 2.052  -7.920  -0.527 8  A_DT8:DA3_A  A 8  ? A 3  ? 20 1 
1 A DG 9  1_555 A DC 2  2_555 -0.088 -0.117 0.085 -0.481 -9.219  -1.059 9  A_DG9:DC2_A  A 9  ? A 2  ? 19 1 
1 A DG 10 1_555 A DC 1  2_555 -0.051 -0.111 0.312 9.128  -6.889  -2.548 10 A_DG10:DC1_A A 10 ? A 1  ? 19 1 
# 
loop_
_ndb_struct_na_base_pair_step.model_number 
_ndb_struct_na_base_pair_step.i_label_asym_id_1 
_ndb_struct_na_base_pair_step.i_label_comp_id_1 
_ndb_struct_na_base_pair_step.i_label_seq_id_1 
_ndb_struct_na_base_pair_step.i_symmetry_1 
_ndb_struct_na_base_pair_step.j_label_asym_id_1 
_ndb_struct_na_base_pair_step.j_label_comp_id_1 
_ndb_struct_na_base_pair_step.j_label_seq_id_1 
_ndb_struct_na_base_pair_step.j_symmetry_1 
_ndb_struct_na_base_pair_step.i_label_asym_id_2 
_ndb_struct_na_base_pair_step.i_label_comp_id_2 
_ndb_struct_na_base_pair_step.i_label_seq_id_2 
_ndb_struct_na_base_pair_step.i_symmetry_2 
_ndb_struct_na_base_pair_step.j_label_asym_id_2 
_ndb_struct_na_base_pair_step.j_label_comp_id_2 
_ndb_struct_na_base_pair_step.j_label_seq_id_2 
_ndb_struct_na_base_pair_step.j_symmetry_2 
_ndb_struct_na_base_pair_step.shift 
_ndb_struct_na_base_pair_step.slide 
_ndb_struct_na_base_pair_step.rise 
_ndb_struct_na_base_pair_step.tilt 
_ndb_struct_na_base_pair_step.roll 
_ndb_struct_na_base_pair_step.twist 
_ndb_struct_na_base_pair_step.x_displacement 
_ndb_struct_na_base_pair_step.y_displacement 
_ndb_struct_na_base_pair_step.helical_rise 
_ndb_struct_na_base_pair_step.inclination 
_ndb_struct_na_base_pair_step.tip 
_ndb_struct_na_base_pair_step.helical_twist 
_ndb_struct_na_base_pair_step.step_number 
_ndb_struct_na_base_pair_step.step_name 
_ndb_struct_na_base_pair_step.i_auth_asym_id_1 
_ndb_struct_na_base_pair_step.i_auth_seq_id_1 
_ndb_struct_na_base_pair_step.i_PDB_ins_code_1 
_ndb_struct_na_base_pair_step.j_auth_asym_id_1 
_ndb_struct_na_base_pair_step.j_auth_seq_id_1 
_ndb_struct_na_base_pair_step.j_PDB_ins_code_1 
_ndb_struct_na_base_pair_step.i_auth_asym_id_2 
_ndb_struct_na_base_pair_step.i_auth_seq_id_2 
_ndb_struct_na_base_pair_step.i_PDB_ins_code_2 
_ndb_struct_na_base_pair_step.j_auth_asym_id_2 
_ndb_struct_na_base_pair_step.j_auth_seq_id_2 
_ndb_struct_na_base_pair_step.j_PDB_ins_code_2 
1 A DC 1 1_555 A DG 10 2_555 A DC 2  1_555 A DG 9 2_555 -0.273 0.589  3.170 3.861  6.797  27.646 -0.321 1.406  3.155 13.876  
-7.882 28.709 1 AA_DC1DC2:DG9DG10_AA A 1 ? A 10 ? A 2  ? A 9 ? 
1 A DC 2 1_555 A DG 9  2_555 A DA 3  1_555 A DT 8 2_555 -0.032 2.814  3.407 -0.851 -8.779 50.493 3.846  -0.020 2.912 -10.202 0.989 
51.207 2 AA_DC2DA3:DT8DG9_AA  A 2 ? A 9  ? A 3  ? A 8 ? 
1 A DA 3 1_555 A DT 8  2_555 A DG 4  1_555 A DC 7 2_555 0.724  0.697  3.164 -1.877 6.099  24.089 -0.186 -2.233 3.176 14.295  4.399 
24.908 3 AA_DA3DG4:DC7DT8_AA  A 3 ? A 8  ? A 4  ? A 7 ? 
1 A DG 4 1_555 A DC 7  2_555 A DG 5  1_555 A DC 6 2_555 -0.436 0.600  3.634 2.124  3.675  36.318 0.392  1.023  3.645 5.872   
-3.393 36.557 4 AA_DG4DG5:DC6DC7_AA  A 4 ? A 7  ? A 5  ? A 6 ? 
1 A DG 5 1_555 A DC 6  2_555 A DC 6  1_555 A DG 5 2_555 0.000  -0.211 3.405 0.000  -0.511 41.890 -0.239 0.000  3.407 -0.715  0.000 
41.893 5 AA_DG5DC6:DG5DC6_AA  A 5 ? A 6  ? A 6  ? A 5 ? 
1 A DC 6 1_555 A DG 5  2_555 A DC 7  1_555 A DG 4 2_555 0.436  0.600  3.634 -2.124 3.675  36.318 0.392  -1.023 3.645 5.872   3.393 
36.557 6 AA_DC6DC7:DG4DG5_AA  A 6 ? A 5  ? A 7  ? A 4 ? 
1 A DC 7 1_555 A DG 4  2_555 A DT 8  1_555 A DA 3 2_555 -0.724 0.697  3.164 1.877  6.099  24.089 -0.186 2.233  3.176 14.295  
-4.399 24.908 7 AA_DC7DT8:DA3DG4_AA  A 7 ? A 4  ? A 8  ? A 3 ? 
1 A DT 8 1_555 A DA 3  2_555 A DG 9  1_555 A DC 2 2_555 0.032  2.814  3.407 0.851  -8.779 50.493 3.846  0.020  2.912 -10.202 
-0.989 51.207 8 AA_DT8DG9:DC2DA3_AA  A 8 ? A 3  ? A 9  ? A 2 ? 
1 A DG 9 1_555 A DC 2  2_555 A DG 10 1_555 A DC 1 2_555 0.273  0.589  3.170 -3.861 6.797  27.646 -0.321 -1.406 3.155 13.876  7.882 
28.709 9 AA_DG9DG10:DC1DC2_AA A 9 ? A 2  ? A 10 ? A 1 ? 
# 
_atom_sites.entry_id                    1BD1 
_atom_sites.fract_transf_matrix[1][1]   0.00234231 
_atom_sites.fract_transf_matrix[1][2]   -0.01856603 
_atom_sites.fract_transf_matrix[1][3]   -0.02936373 
_atom_sites.fract_transf_matrix[2][1]   0.00215293 
_atom_sites.fract_transf_matrix[2][2]   -0.03303114 
_atom_sites.fract_transf_matrix[2][3]   0.02105659 
_atom_sites.fract_transf_matrix[3][1]   -0.02763863 
_atom_sites.fract_transf_matrix[3][2]   -0.01007137 
_atom_sites.fract_transf_matrix[3][3]   -0.01297289 
_atom_sites.fract_transf_vector[1]      0.018458 
_atom_sites.fract_transf_vector[2]      -0.012348 
_atom_sites.fract_transf_vector[3]      0.007281 
# 
loop_
_atom_type.symbol 
C 
N 
O 
P 
# 
loop_
_atom_site.group_PDB 
_atom_site.id 
_atom_site.type_symbol 
_atom_site.label_atom_id 
_atom_site.label_alt_id 
_atom_site.label_comp_id 
_atom_site.label_asym_id 
_atom_site.label_entity_id 
_atom_site.label_seq_id 
_atom_site.pdbx_PDB_ins_code 
_atom_site.Cartn_x 
_atom_site.Cartn_y 
_atom_site.Cartn_z 
_atom_site.occupancy 
_atom_site.B_iso_or_equiv 
_atom_site.pdbx_formal_charge 
_atom_site.auth_seq_id 
_atom_site.auth_comp_id 
_atom_site.auth_asym_id 
_atom_site.auth_atom_id 
_atom_site.pdbx_PDB_model_num 
ATOM   1   O "O5'" . DC  A 1 1  ? -17.244 0.970   7.538   1.00 34.31 ? 1  DC  A "O5'" 1 
ATOM   2   C "C5'" . DC  A 1 1  ? -17.892 -0.341  7.624   1.00 24.09 ? 1  DC  A "C5'" 1 
ATOM   3   C "C4'" . DC  A 1 1  ? -17.182 -1.223  6.621   1.00 24.17 ? 1  DC  A "C4'" 1 
ATOM   4   O "O4'" . DC  A 1 1  ? -17.109 -0.490  5.418   1.00 27.94 ? 1  DC  A "O4'" 1 
ATOM   5   C "C3'" . DC  A 1 1  ? -15.721 -1.581  6.923   1.00 18.46 ? 1  DC  A "C3'" 1 
ATOM   6   O "O3'" . DC  A 1 1  ? -15.707 -2.980  7.216   1.00 17.76 ? 1  DC  A "O3'" 1 
ATOM   7   C "C2'" . DC  A 1 1  ? -14.886 -1.122  5.735   1.00 15.10 ? 1  DC  A "C2'" 1 
ATOM   8   C "C1'" . DC  A 1 1  ? -15.980 -1.057  4.708   1.00 18.87 ? 1  DC  A "C1'" 1 
ATOM   9   N N1    . DC  A 1 1  ? -15.877 -0.093  3.617   1.00 15.53 ? 1  DC  A N1    1 
ATOM   10  C C2    . DC  A 1 1  ? -15.724 -0.627  2.317   1.00 15.06 ? 1  DC  A C2    1 
ATOM   11  O O2    . DC  A 1 1  ? -15.645 -1.832  2.091   1.00 16.33 ? 1  DC  A O2    1 
ATOM   12  N N3    . DC  A 1 1  ? -15.653 0.291   1.294   1.00 14.34 ? 1  DC  A N3    1 
ATOM   13  C C4    . DC  A 1 1  ? -15.759 1.620   1.528   1.00 12.46 ? 1  DC  A C4    1 
ATOM   14  N N4    . DC  A 1 1  ? -15.666 2.429   0.461   1.00 12.62 ? 1  DC  A N4    1 
ATOM   15  C C5    . DC  A 1 1  ? -15.877 2.113   2.869   1.00 13.52 ? 1  DC  A C5    1 
ATOM   16  C C6    . DC  A 1 1  ? -15.978 1.226   3.864   1.00 9.68  ? 1  DC  A C6    1 
ATOM   17  P P     . DC  A 1 2  ? -14.504 -3.556  8.074   1.00 16.86 ? 2  DC  A P     1 
ATOM   18  O OP1   . DC  A 1 2  ? -15.137 -4.699  8.649   1.00 19.81 ? 2  DC  A OP1   1 
ATOM   19  O OP2   . DC  A 1 2  ? -13.791 -2.272  8.444   1.00 20.64 ? 2  DC  A OP2   1 
ATOM   20  O "O5'" . DC  A 1 2  ? -13.578 -4.171  6.882   1.00 17.92 ? 2  DC  A "O5'" 1 
ATOM   21  C "C5'" . DC  A 1 2  ? -13.991 -5.160  5.885   1.00 15.47 ? 2  DC  A "C5'" 1 
ATOM   22  C "C4'" . DC  A 1 2  ? -12.866 -5.169  4.877   1.00 15.75 ? 2  DC  A "C4'" 1 
ATOM   23  O "O4'" . DC  A 1 2  ? -12.891 -3.987  4.103   1.00 17.71 ? 2  DC  A "O4'" 1 
ATOM   24  C "C3'" . DC  A 1 2  ? -11.454 -5.128  5.480   1.00 16.86 ? 2  DC  A "C3'" 1 
ATOM   25  O "O3'" . DC  A 1 2  ? -10.580 -6.030  4.813   1.00 17.67 ? 2  DC  A "O3'" 1 
ATOM   26  C "C2'" . DC  A 1 2  ? -11.020 -3.685  5.302   1.00 9.27  ? 2  DC  A "C2'" 1 
ATOM   27  C "C1'" . DC  A 1 2  ? -11.579 -3.411  3.922   1.00 9.74  ? 2  DC  A "C1'" 1 
ATOM   28  N N1    . DC  A 1 2  ? -11.730 -2.031  3.487   1.00 10.29 ? 2  DC  A N1    1 
ATOM   29  C C2    . DC  A 1 2  ? -11.840 -1.845  2.104   1.00 12.11 ? 2  DC  A C2    1 
ATOM   30  O O2    . DC  A 1 2  ? -11.853 -2.805  1.321   1.00 14.50 ? 2  DC  A O2    1 
ATOM   31  N N3    . DC  A 1 2  ? -12.049 -0.589  1.607   1.00 11.51 ? 2  DC  A N3    1 
ATOM   32  C C4    . DC  A 1 2  ? -12.153 0.478   2.446   1.00 12.34 ? 2  DC  A C4    1 
ATOM   33  N N4    . DC  A 1 2  ? -12.309 1.659   1.888   1.00 9.61  ? 2  DC  A N4    1 
ATOM   34  C C5    . DC  A 1 2  ? -11.981 0.300   3.839   1.00 12.39 ? 2  DC  A C5    1 
ATOM   35  C C6    . DC  A 1 2  ? -11.802 -0.938  4.302   1.00 10.32 ? 2  DC  A C6    1 
ATOM   36  P P     . DA  A 1 3  ? -10.339 -7.450  5.325   1.00 16.31 ? 3  DA  A P     1 
ATOM   37  O OP1   . DA  A 1 3  ? -11.503 -8.248  5.678   1.00 25.02 ? 3  DA  A OP1   1 
ATOM   38  O OP2   . DA  A 1 3  ? -9.104  -7.443  6.140   1.00 27.07 ? 3  DA  A OP2   1 
ATOM   39  O "O5'" . DA  A 1 3  ? -9.833  -8.129  3.880   1.00 24.22 ? 3  DA  A "O5'" 1 
ATOM   40  C "C5'" . DA  A 1 3  ? -10.775 -8.520  2.850   1.00 16.31 ? 3  DA  A "C5'" 1 
ATOM   41  C "C4'" . DA  A 1 3  ? -10.016 -8.400  1.565   1.00 10.93 ? 3  DA  A "C4'" 1 
ATOM   42  O "O4'" . DA  A 1 3  ? -9.737  -7.045  1.268   1.00 15.97 ? 3  DA  A "O4'" 1 
ATOM   43  C "C3'" . DA  A 1 3  ? -8.630  -9.093  1.494   1.00 15.59 ? 3  DA  A "C3'" 1 
ATOM   44  O "O3'" . DA  A 1 3  ? -8.605  -9.842  0.266   1.00 13.40 ? 3  DA  A "O3'" 1 
ATOM   45  C "C2'" . DA  A 1 3  ? -7.605  -7.970  1.646   1.00 16.17 ? 3  DA  A "C2'" 1 
ATOM   46  C "C1'" . DA  A 1 3  ? -8.326  -6.772  1.116   1.00 11.79 ? 3  DA  A "C1'" 1 
ATOM   47  N N9    . DA  A 1 3  ? -8.168  -5.533  1.885   1.00 9.19  ? 3  DA  A N9    1 
ATOM   48  C C8    . DA  A 1 3  ? -7.921  -5.368  3.210   1.00 9.02  ? 3  DA  A C8    1 
ATOM   49  N N7    . DA  A 1 3  ? -7.852  -4.127  3.582   1.00 11.31 ? 3  DA  A N7    1 
ATOM   50  C C5    . DA  A 1 3  ? -8.171  -3.433  2.419   1.00 7.46  ? 3  DA  A C5    1 
ATOM   51  C C6    . DA  A 1 3  ? -8.297  -2.059  2.147   1.00 8.29  ? 3  DA  A C6    1 
ATOM   52  N N6    . DA  A 1 3  ? -8.138  -1.097  3.064   1.00 6.75  ? 3  DA  A N6    1 
ATOM   53  N N1    . DA  A 1 3  ? -8.487  -1.786  0.842   1.00 7.68  ? 3  DA  A N1    1 
ATOM   54  C C2    . DA  A 1 3  ? -8.666  -2.680  -0.138  1.00 8.66  ? 3  DA  A C2    1 
ATOM   55  N N3    . DA  A 1 3  ? -8.615  -3.998  0.058   1.00 9.15  ? 3  DA  A N3    1 
ATOM   56  C C4    . DA  A 1 3  ? -8.334  -4.293  1.353   1.00 10.92 ? 3  DA  A C4    1 
ATOM   57  P P     . DG  A 1 4  ? -7.391  -10.730 -0.345  1.00 16.35 ? 4  DG  A P     1 
ATOM   58  O OP1   . DG  A 1 4  ? -8.050  -11.265 -1.554  1.00 17.98 ? 4  DG  A OP1   1 
ATOM   59  O OP2   . DG  A 1 4  ? -6.968  -11.586 0.744   1.00 13.26 ? 4  DG  A OP2   1 
ATOM   60  O "O5'" . DG  A 1 4  ? -6.382  -9.697  -0.737  1.00 21.56 ? 4  DG  A "O5'" 1 
ATOM   61  C "C5'" . DG  A 1 4  ? -6.555  -8.955  -1.963  1.00 21.85 ? 4  DG  A "C5'" 1 
ATOM   62  C "C4'" . DG  A 1 4  ? -5.382  -7.999  -2.089  1.00 19.92 ? 4  DG  A "C4'" 1 
ATOM   63  O "O4'" . DG  A 1 4  ? -5.644  -6.935  -1.148  1.00 21.85 ? 4  DG  A "O4'" 1 
ATOM   64  C "C3'" . DG  A 1 4  ? -3.982  -8.477  -1.757  1.00 19.89 ? 4  DG  A "C3'" 1 
ATOM   65  O "O3'" . DG  A 1 4  ? -3.035  -7.937  -2.659  1.00 21.77 ? 4  DG  A "O3'" 1 
ATOM   66  C "C2'" . DG  A 1 4  ? -3.772  -7.951  -0.322  1.00 19.28 ? 4  DG  A "C2'" 1 
ATOM   67  C "C1'" . DG  A 1 4  ? -4.387  -6.570  -0.595  1.00 15.69 ? 4  DG  A "C1'" 1 
ATOM   68  N N9    . DG  A 1 4  ? -4.515  -5.750  0.594   1.00 13.71 ? 4  DG  A N9    1 
ATOM   69  C C8    . DG  A 1 4  ? -4.297  -6.143  1.881   1.00 12.90 ? 4  DG  A C8    1 
ATOM   70  N N7    . DG  A 1 4  ? -4.385  -5.154  2.751   1.00 13.58 ? 4  DG  A N7    1 
ATOM   71  C C5    . DG  A 1 4  ? -4.650  -4.038  1.956   1.00 16.07 ? 4  DG  A C5    1 
ATOM   72  C C6    . DG  A 1 4  ? -4.872  -2.654  2.255   1.00 10.45 ? 4  DG  A C6    1 
ATOM   73  O O6    . DG  A 1 4  ? -4.862  -2.179  3.407   1.00 13.56 ? 4  DG  A O6    1 
ATOM   74  N N1    . DG  A 1 4  ? -5.031  -1.852  1.146   1.00 11.24 ? 4  DG  A N1    1 
ATOM   75  C C2    . DG  A 1 4  ? -5.033  -2.336  -0.114  1.00 10.42 ? 4  DG  A C2    1 
ATOM   76  N N2    . DG  A 1 4  ? -5.310  -1.479  -1.090  1.00 13.16 ? 4  DG  A N2    1 
ATOM   77  N N3    . DG  A 1 4  ? -4.901  -3.613  -0.444  1.00 14.98 ? 4  DG  A N3    1 
ATOM   78  C C4    . DG  A 1 4  ? -4.688  -4.405  0.601   1.00 12.00 ? 4  DG  A C4    1 
ATOM   79  P P     . DG  A 1 5  ? -2.107  -8.817  -3.660  1.00 25.27 ? 5  DG  A P     1 
ATOM   80  O OP1   . DG  A 1 5  ? -2.977  -9.813  -4.041  1.00 20.12 ? 5  DG  A OP1   1 
ATOM   81  O OP2   . DG  A 1 5  ? -1.026  -9.257  -2.731  1.00 25.12 ? 5  DG  A OP2   1 
ATOM   82  O "O5'" . DG  A 1 5  ? -1.742  -7.625  -4.648  1.00 23.40 ? 5  DG  A "O5'" 1 
ATOM   83  C "C5'" . DG  A 1 5  ? -2.826  -6.909  -5.275  1.00 21.01 ? 5  DG  A "C5'" 1 
ATOM   84  C "C4'" . DG  A 1 5  ? -2.400  -5.476  -5.507  1.00 18.10 ? 5  DG  A "C4'" 1 
ATOM   85  O "O4'" . DG  A 1 5  ? -2.609  -4.737  -4.309  1.00 14.25 ? 5  DG  A "O4'" 1 
ATOM   86  C "C3'" . DG  A 1 5  ? -0.936  -5.328  -5.895  1.00 20.86 ? 5  DG  A "C3'" 1 
ATOM   87  O "O3'" . DG  A 1 5  ? -0.751  -4.340  -6.917  1.00 27.65 ? 5  DG  A "O3'" 1 
ATOM   88  C "C2'" . DG  A 1 5  ? -0.229  -4.970  -4.574  1.00 15.18 ? 5  DG  A "C2'" 1 
ATOM   89  C "C1'" . DG  A 1 5  ? -1.340  -4.197  -3.871  1.00 12.95 ? 5  DG  A "C1'" 1 
ATOM   90  N N9    . DG  A 1 5  ? -1.216  -4.280  -2.398  1.00 18.26 ? 5  DG  A N9    1 
ATOM   91  C C8    . DG  A 1 5  ? -0.990  -5.332  -1.569  1.00 13.53 ? 5  DG  A C8    1 
ATOM   92  N N7    . DG  A 1 5  ? -1.001  -5.062  -0.313  1.00 17.64 ? 5  DG  A N7    1 
ATOM   93  C C5    . DG  A 1 5  ? -1.235  -3.690  -0.317  1.00 13.66 ? 5  DG  A C5    1 
ATOM   94  C C6    . DG  A 1 5  ? -1.389  -2.773  0.763   1.00 15.13 ? 5  DG  A C6    1 
ATOM   95  O O6    . DG  A 1 5  ? -1.329  -3.064  1.956   1.00 14.25 ? 5  DG  A O6    1 
ATOM   96  N N1    . DG  A 1 5  ? -1.581  -1.476  0.342   1.00 13.33 ? 5  DG  A N1    1 
ATOM   97  C C2    . DG  A 1 5  ? -1.718  -1.105  -0.948  1.00 14.57 ? 5  DG  A C2    1 
ATOM   98  N N2    . DG  A 1 5  ? -1.960  0.169   -1.161  1.00 15.30 ? 5  DG  A N2    1 
ATOM   99  N N3    . DG  A 1 5  ? -1.618  -1.927  -1.995  1.00 12.78 ? 5  DG  A N3    1 
ATOM   100 C C4    . DG  A 1 5  ? -1.372  -3.192  -1.570  1.00 14.14 ? 5  DG  A C4    1 
ATOM   101 P P     . DC  A 1 6  ? 0.602   -3.509  -7.525  1.00 25.67 ? 6  DC  A P     1 
ATOM   102 O OP1   . DC  A 1 6  ? 0.205   -3.492  -8.950  1.00 28.44 ? 6  DC  A OP1   1 
ATOM   103 O OP2   . DC  A 1 6  ? 1.772   -4.273  -7.048  1.00 27.24 ? 6  DC  A OP2   1 
ATOM   104 O "O5'" . DC  A 1 6  ? 0.429   -2.147  -6.842  1.00 24.79 ? 6  DC  A "O5'" 1 
ATOM   105 C "C5'" . DC  A 1 6  ? -0.623  -1.234  -6.543  1.00 31.38 ? 6  DC  A "C5'" 1 
ATOM   106 C "C4'" . DC  A 1 6  ? -0.092  0.051   -5.889  1.00 33.95 ? 6  DC  A "C4'" 1 
ATOM   107 O "O4'" . DC  A 1 6  ? 0.031   -0.058  -4.485  1.00 30.09 ? 6  DC  A "O4'" 1 
ATOM   108 C "C3'" . DC  A 1 6  ? 1.285   0.535   -6.408  1.00 33.19 ? 6  DC  A "C3'" 1 
ATOM   109 O "O3'" . DC  A 1 6  ? 1.205   1.933   -6.705  1.00 35.10 ? 6  DC  A "O3'" 1 
ATOM   110 C "C2'" . DC  A 1 6  ? 2.255   0.133   -5.310  1.00 31.32 ? 6  DC  A "C2'" 1 
ATOM   111 C "C1'" . DC  A 1 6  ? 1.397   0.227   -4.079  1.00 23.76 ? 6  DC  A "C1'" 1 
ATOM   112 N N1    . DC  A 1 6  ? 1.679   -0.773  -3.039  1.00 20.37 ? 6  DC  A N1    1 
ATOM   113 C C2    . DC  A 1 6  ? 1.617   -0.273  -1.740  1.00 14.25 ? 6  DC  A C2    1 
ATOM   114 O O2    . DC  A 1 6  ? 1.376   0.930   -1.566  1.00 20.50 ? 6  DC  A O2    1 
ATOM   115 N N3    . DC  A 1 6  ? 1.798   -1.167  -0.720  1.00 10.08 ? 6  DC  A N3    1 
ATOM   116 C C4    . DC  A 1 6  ? 2.046   -2.452  -0.937  1.00 12.50 ? 6  DC  A C4    1 
ATOM   117 N N4    . DC  A 1 6  ? 2.205   -3.260  0.107   1.00 15.91 ? 6  DC  A N4    1 
ATOM   118 C C5    . DC  A 1 6  ? 2.153   -2.952  -2.281  1.00 18.38 ? 6  DC  A C5    1 
ATOM   119 C C6    . DC  A 1 6  ? 1.976   -2.093  -3.295  1.00 15.97 ? 6  DC  A C6    1 
ATOM   120 P P     . DC  A 1 7  ? 2.219   2.815   -7.649  1.00 34.14 ? 7  DC  A P     1 
ATOM   121 O OP1   . DC  A 1 7  ? 1.345   3.863   -8.156  1.00 34.71 ? 7  DC  A OP1   1 
ATOM   122 O OP2   . DC  A 1 7  ? 3.208   1.888   -8.078  1.00 37.02 ? 7  DC  A OP2   1 
ATOM   123 O "O5'" . DC  A 1 7  ? 3.027   3.533   -6.295  1.00 31.91 ? 7  DC  A "O5'" 1 
ATOM   124 C "C5'" . DC  A 1 7  ? 2.202   4.120   -5.233  1.00 24.18 ? 7  DC  A "C5'" 1 
ATOM   125 C "C4'" . DC  A 1 7  ? 3.185   4.369   -4.097  1.00 19.54 ? 7  DC  A "C4'" 1 
ATOM   126 O "O4'" . DC  A 1 7  ? 3.465   3.184   -3.434  1.00 23.64 ? 7  DC  A "O4'" 1 
ATOM   127 C "C3'" . DC  A 1 7  ? 4.564   4.866   -4.590  1.00 22.55 ? 7  DC  A "C3'" 1 
ATOM   128 O "O3'" . DC  A 1 7  ? 4.688   6.247   -4.279  1.00 21.80 ? 7  DC  A "O3'" 1 
ATOM   129 C "C2'" . DC  A 1 7  ? 5.586   3.962   -3.893  1.00 18.11 ? 7  DC  A "C2'" 1 
ATOM   130 C "C1'" . DC  A 1 7  ? 4.810   3.246   -2.848  1.00 16.89 ? 7  DC  A "C1'" 1 
ATOM   131 N N1    . DC  A 1 7  ? 5.074   1.843   -2.560  1.00 16.93 ? 7  DC  A N1    1 
ATOM   132 C C2    . DC  A 1 7  ? 5.185   1.480   -1.222  1.00 16.07 ? 7  DC  A C2    1 
ATOM   133 O O2    . DC  A 1 7  ? 5.117   2.365   -0.360  1.00 15.44 ? 7  DC  A O2    1 
ATOM   134 N N3    . DC  A 1 7  ? 5.343   0.145   -0.938  1.00 12.83 ? 7  DC  A N3    1 
ATOM   135 C C4    . DC  A 1 7  ? 5.384   -0.785  -1.913  1.00 9.10  ? 7  DC  A C4    1 
ATOM   136 N N4    . DC  A 1 7  ? 5.517   -2.072  -1.600  1.00 12.77 ? 7  DC  A N4    1 
ATOM   137 C C5    . DC  A 1 7  ? 5.296   -0.407  -3.276  1.00 14.56 ? 7  DC  A C5    1 
ATOM   138 C C6    . DC  A 1 7  ? 5.075   0.909   -3.550  1.00 14.13 ? 7  DC  A C6    1 
ATOM   139 P P     . DT  A 1 8  ? 5.952   7.138   -4.571  1.00 22.62 ? 8  DT  A P     1 
ATOM   140 O OP1   . DT  A 1 8  ? 5.318   8.400   -4.627  1.00 23.01 ? 8  DT  A OP1   1 
ATOM   141 O OP2   . DT  A 1 8  ? 6.695   6.653   -5.724  1.00 23.70 ? 8  DT  A OP2   1 
ATOM   142 O "O5'" . DT  A 1 8  ? 6.900   7.126   -3.221  1.00 21.72 ? 8  DT  A "O5'" 1 
ATOM   143 C "C5'" . DT  A 1 8  ? 6.421   7.619   -1.943  1.00 20.60 ? 8  DT  A "C5'" 1 
ATOM   144 C "C4'" . DT  A 1 8  ? 7.448   7.182   -0.924  1.00 15.18 ? 8  DT  A "C4'" 1 
ATOM   145 O "O4'" . DT  A 1 8  ? 7.498   5.792   -0.746  1.00 15.07 ? 8  DT  A "O4'" 1 
ATOM   146 C "C3'" . DT  A 1 8  ? 8.866   7.582   -1.343  1.00 15.84 ? 8  DT  A "C3'" 1 
ATOM   147 O "O3'" . DT  A 1 8  ? 9.496   8.174   -0.199  1.00 18.16 ? 8  DT  A "O3'" 1 
ATOM   148 C "C2'" . DT  A 1 8  ? 9.478   6.293   -1.824  1.00 13.85 ? 8  DT  A "C2'" 1 
ATOM   149 C "C1'" . DT  A 1 8  ? 8.833   5.332   -0.829  1.00 12.51 ? 8  DT  A "C1'" 1 
ATOM   150 N N1    . DT  A 1 8  ? 8.859   3.937   -1.225  1.00 11.77 ? 8  DT  A N1    1 
ATOM   151 C C2    . DT  A 1 8  ? 8.796   2.995   -0.193  1.00 13.52 ? 8  DT  A C2    1 
ATOM   152 O O2    . DT  A 1 8  ? 8.783   3.323   0.992   1.00 13.18 ? 8  DT  A O2    1 
ATOM   153 N N3    . DT  A 1 8  ? 8.753   1.667   -0.504  1.00 13.11 ? 8  DT  A N3    1 
ATOM   154 C C4    . DT  A 1 8  ? 8.768   1.270   -1.814  1.00 9.04  ? 8  DT  A C4    1 
ATOM   155 O O4    . DT  A 1 8  ? 8.740   0.052   -2.021  1.00 10.78 ? 8  DT  A O4    1 
ATOM   156 C C5    . DT  A 1 8  ? 8.823   2.237   -2.868  1.00 15.29 ? 8  DT  A C5    1 
ATOM   157 C C7    . DT  A 1 8  ? 8.867   1.837   -4.331  1.00 13.55 ? 8  DT  A C7    1 
ATOM   158 C C6    . DT  A 1 8  ? 8.863   3.552   -2.531  1.00 14.86 ? 8  DT  A C6    1 
ATOM   159 P P     . DG  A 1 9  ? 9.681   9.682   0.262   1.00 16.66 ? 9  DG  A P     1 
ATOM   160 O OP1   . DG  A 1 9  ? 8.430   10.436  0.005   1.00 17.36 ? 9  DG  A OP1   1 
ATOM   161 O OP2   . DG  A 1 9  ? 10.721  10.149  -0.689  1.00 16.06 ? 9  DG  A OP2   1 
ATOM   162 O "O5'" . DG  A 1 9  ? 10.007  9.774   1.755   1.00 14.77 ? 9  DG  A "O5'" 1 
ATOM   163 C "C5'" . DG  A 1 9  ? 9.070   9.187   2.672   1.00 12.15 ? 9  DG  A "C5'" 1 
ATOM   164 C "C4'" . DG  A 1 9  ? 9.855   8.632   3.845   1.00 9.64  ? 9  DG  A "C4'" 1 
ATOM   165 O "O4'" . DG  A 1 9  ? 10.328  7.350   3.515   1.00 10.97 ? 9  DG  A "O4'" 1 
ATOM   166 C "C3'" . DG  A 1 9  ? 11.161  9.282   4.280   1.00 15.49 ? 9  DG  A "C3'" 1 
ATOM   167 O "O3'" . DG  A 1 9  ? 11.351  8.862   5.644   1.00 18.77 ? 9  DG  A "O3'" 1 
ATOM   168 C "C2'" . DG  A 1 9  ? 12.269  8.687   3.461   1.00 16.28 ? 9  DG  A "C2'" 1 
ATOM   169 C "C1'" . DG  A 1 9  ? 11.764  7.261   3.355   1.00 13.38 ? 9  DG  A "C1'" 1 
ATOM   170 N N9    . DG  A 1 9  ? 12.029  6.568   2.057   1.00 11.99 ? 9  DG  A N9    1 
ATOM   171 C C8    . DG  A 1 9  ? 12.303  7.131   0.851   1.00 10.49 ? 9  DG  A C8    1 
ATOM   172 N N7    . DG  A 1 9  ? 12.450  6.259   -0.105  1.00 7.35  ? 9  DG  A N7    1 
ATOM   173 C C5    . DG  A 1 9  ? 12.210  5.027   0.461   1.00 9.56  ? 9  DG  A C5    1 
ATOM   174 C C6    . DG  A 1 9  ? 12.300  3.703   -0.029  1.00 6.67  ? 9  DG  A C6    1 
ATOM   175 O O6    . DG  A 1 9  ? 12.393  3.382   -1.203  1.00 10.19 ? 9  DG  A O6    1 
ATOM   176 N N1    . DG  A 1 9  ? 12.080  2.729   0.882   1.00 8.98  ? 9  DG  A N1    1 
ATOM   177 C C2    . DG  A 1 9  ? 11.810  3.005   2.198   1.00 13.00 ? 9  DG  A C2    1 
ATOM   178 N N2    . DG  A 1 9  ? 11.610  2.016   3.083   1.00 11.62 ? 9  DG  A N2    1 
ATOM   179 N N3    . DG  A 1 9  ? 11.814  4.231   2.734   1.00 11.43 ? 9  DG  A N3    1 
ATOM   180 C C4    . DG  A 1 9  ? 12.013  5.218   1.820   1.00 9.87  ? 9  DG  A C4    1 
ATOM   181 P P     . DG  A 1 10 ? 12.308  9.867   6.538   1.00 20.19 ? 10 DG  A P     1 
ATOM   182 O OP1   . DG  A 1 10 ? 11.622  9.930   7.814   1.00 20.33 ? 10 DG  A OP1   1 
ATOM   183 O OP2   . DG  A 1 10 ? 12.575  11.078  5.855   1.00 21.29 ? 10 DG  A OP2   1 
ATOM   184 O "O5'" . DG  A 1 10 ? 13.576  8.775   6.599   1.00 16.05 ? 10 DG  A "O5'" 1 
ATOM   185 C "C5'" . DG  A 1 10 ? 13.297  7.646   7.460   1.00 18.23 ? 10 DG  A "C5'" 1 
ATOM   186 C "C4'" . DG  A 1 10 ? 14.419  6.630   7.246   1.00 17.73 ? 10 DG  A "C4'" 1 
ATOM   187 O "O4'" . DG  A 1 10 ? 14.224  6.039   5.993   1.00 16.69 ? 10 DG  A "O4'" 1 
ATOM   188 C "C3'" . DG  A 1 10 ? 15.808  7.246   7.246   1.00 21.57 ? 10 DG  A "C3'" 1 
ATOM   189 O "O3'" . DG  A 1 10 ? 16.603  6.846   8.383   1.00 30.39 ? 10 DG  A "O3'" 1 
ATOM   190 C "C2'" . DG  A 1 10 ? 16.481  6.786   5.975   1.00 12.94 ? 10 DG  A "C2'" 1 
ATOM   191 C "C1'" . DG  A 1 10 ? 15.504  5.798   5.408   1.00 14.67 ? 10 DG  A "C1'" 1 
ATOM   192 N N9    . DG  A 1 10 ? 15.489  5.892   3.935   1.00 13.24 ? 10 DG  A N9    1 
ATOM   193 C C8    . DG  A 1 10 ? 15.537  6.963   3.102   1.00 13.19 ? 10 DG  A C8    1 
ATOM   194 N N7    . DG  A 1 10 ? 15.556  6.705   1.843   1.00 12.63 ? 10 DG  A N7    1 
ATOM   195 C C5    . DG  A 1 10 ? 15.494  5.293   1.839   1.00 10.12 ? 10 DG  A C5    1 
ATOM   196 C C6    . DG  A 1 10 ? 15.475  4.351   0.768   1.00 10.55 ? 10 DG  A C6    1 
ATOM   197 O O6    . DG  A 1 10 ? 15.496  4.560   -0.443  1.00 13.18 ? 10 DG  A O6    1 
ATOM   198 N N1    . DG  A 1 10 ? 15.474  3.032   1.192   1.00 11.59 ? 10 DG  A N1    1 
ATOM   199 C C2    . DG  A 1 10 ? 15.415  2.678   2.518   1.00 7.90  ? 10 DG  A C2    1 
ATOM   200 N N2    . DG  A 1 10 ? 15.399  1.379   2.705   1.00 11.41 ? 10 DG  A N2    1 
ATOM   201 N N3    . DG  A 1 10 ? 15.382  3.499   3.553   1.00 9.90  ? 10 DG  A N3    1 
ATOM   202 C C4    . DG  A 1 10 ? 15.423  4.786   3.131   1.00 9.93  ? 10 DG  A C4    1 
HETATM 203 N N     . TEA B 2 .  ? 6.828   5.600   4.076   1.00 44.64 ? 11 TEA A N     1 
HETATM 204 C C11   . TEA B 2 .  ? 7.765   5.336   2.878   1.00 32.44 ? 11 TEA A C11   1 
HETATM 205 C C21   . TEA B 2 .  ? 6.532   7.099   4.368   1.00 33.76 ? 11 TEA A C21   1 
HETATM 206 C C31   . TEA B 2 .  ? 5.490   4.804   4.066   1.00 43.55 ? 11 TEA A C31   1 
HETATM 207 C C32   . TEA B 2 .  ? 4.663   5.180   5.405   1.00 43.01 ? 11 TEA A C32   1 
HETATM 208 N N     . TEA C 2 .  ? 1.474   -0.751  -11.437 1.00 49.55 ? 12 TEA A N     1 
HETATM 209 C C11   . TEA C 2 .  ? 0.234   -0.716  -12.392 1.00 44.62 ? 12 TEA A C11   1 
HETATM 210 C C21   . TEA C 2 .  ? 2.147   -2.187  -11.566 1.00 51.02 ? 12 TEA A C21   1 
HETATM 211 C C31   . TEA C 2 .  ? 2.570   0.253   -11.832 1.00 46.06 ? 12 TEA A C31   1 
HETATM 212 C C32   . TEA C 2 .  ? 3.601   0.219   -10.642 1.00 48.73 ? 12 TEA A C32   1 
HETATM 213 O O     . HOH D 3 .  ? -5.208  -4.134  -3.180  1.00 31.28 ? 13 HOH A O     1 
HETATM 214 O O     . HOH D 3 .  ? -6.713  -12.509 -3.386  1.00 16.08 ? 14 HOH A O     1 
HETATM 215 O O     . HOH D 3 .  ? 9.639   5.762   -4.899  1.00 24.21 ? 15 HOH A O     1 
HETATM 216 O O     . HOH D 3 .  ? -9.326  2.655   4.803   1.00 20.25 ? 16 HOH A O     1 
HETATM 217 O O     . HOH D 3 .  ? -5.286  -13.789 0.327   1.00 25.67 ? 17 HOH A O     1 
HETATM 218 O O     . HOH D 3 .  ? -14.206 -5.824  0.777   1.00 50.44 ? 18 HOH A O     1 
HETATM 219 O O     . HOH D 3 .  ? -5.401  1.017   -3.336  1.00 21.93 ? 19 HOH A O     1 
HETATM 220 O O     . HOH D 3 .  ? -10.138 -10.166 -2.947  1.00 28.27 ? 20 HOH A O     1 
HETATM 221 O O     . HOH D 3 .  ? 7.628   0.294   -9.197  1.00 52.19 ? 21 HOH A O     1 
HETATM 222 O O     . HOH D 3 .  ? 7.356   -7.287  13.489  1.00 32.83 ? 22 HOH A O     1 
HETATM 223 O O     . HOH D 3 .  ? -12.817 5.334   1.658   1.00 22.07 ? 23 HOH A O     1 
HETATM 224 O O     . HOH D 3 .  ? -12.131 4.103   3.803   1.00 15.76 ? 24 HOH A O     1 
HETATM 225 O O     . HOH D 3 .  ? 5.200   10.279  -7.287  1.00 49.28 ? 25 HOH A O     1 
HETATM 226 O O     . HOH D 3 .  ? 8.420   -5.312  -1.351  1.00 36.61 ? 26 HOH A O     1 
HETATM 227 O O     . HOH D 3 .  ? -15.342 4.106   -3.110  1.00 28.12 ? 27 HOH A O     1 
HETATM 228 O O     . HOH D 3 .  ? -14.308 6.619   -0.148  1.00 56.88 ? 28 HOH A O     1 
HETATM 229 O O     . HOH D 3 .  ? 4.377   6.842   2.057   1.00 60.62 ? 29 HOH A O     1 
HETATM 230 O O     . HOH D 3 .  ? 5.769   0.635   -6.982  1.00 48.05 ? 30 HOH A O     1 
HETATM 231 O O     . HOH D 3 .  ? -8.725  -4.838  -2.440  1.00 33.09 ? 31 HOH A O     1 
HETATM 232 O O     . HOH D 3 .  ? -12.435 -9.645  -5.081  1.00 45.61 ? 32 HOH A O     1 
HETATM 233 O O     . HOH D 3 .  ? 9.147   10.729  7.301   1.00 27.89 ? 33 HOH A O     1 
HETATM 234 O O     . HOH D 3 .  ? -8.305  6.922   -8.702  1.00 40.54 ? 34 HOH A O     1 
HETATM 235 O O     . HOH D 3 .  ? 5.517   10.893  1.109   1.00 42.23 ? 35 HOH A O     1 
HETATM 236 O O     . HOH D 3 .  ? 11.594  12.580  -2.563  1.00 63.75 ? 36 HOH A O     1 
HETATM 237 O O     . HOH D 3 .  ? 11.007  4.201   5.846   1.00 45.14 ? 37 HOH A O     1 
HETATM 238 O O     . HOH D 3 .  ? -12.797 4.581   -0.901  1.00 19.95 ? 38 HOH A O     1 
HETATM 239 O O     . HOH D 3 .  ? -13.390 5.937   -3.046  1.00 36.48 ? 39 HOH A O     1 
HETATM 240 O O     . HOH D 3 .  ? -0.239  3.198   -1.412  0.50 43.95 ? 40 HOH A O     1 
HETATM 241 O O     . HOH D 3 .  ? -16.733 5.553   -1.421  0.50 14.45 ? 41 HOH A O     1 
HETATM 242 O O     . HOH D 3 .  ? 15.930  8.389   0.239   0.50 14.47 ? 42 HOH A O     1 
HETATM 243 O O     . HOH D 3 .  ? 18.274  -4.129  2.266   0.50 19.11 ? 43 HOH A O     1 
HETATM 244 O O     . HOH D 3 .  ? 18.256  -2.841  3.656   0.50 20.74 ? 44 HOH A O     1 
HETATM 245 O O     . HOH D 3 .  ? -12.445 -7.995  -2.515  0.50 28.53 ? 45 HOH A O     1 
HETATM 246 O O     . HOH D 3 .  ? 2.082   -7.464  -3.946  0.50 31.48 ? 46 HOH A O     1 
HETATM 247 O O     . HOH D 3 .  ? 1.594   -8.892  -4.540  0.50 31.32 ? 47 HOH A O     1 
HETATM 248 O O     . HOH D 3 .  ? -11.908 -6.053  -0.843  0.50 26.36 ? 48 HOH A O     1 
HETATM 249 O O     . HOH D 3 .  ? 2.653   -5.928  -2.216  0.50 20.50 ? 49 HOH A O     1 
HETATM 250 O O     . HOH D 3 .  ? 2.234   -6.397  -0.026  0.50 26.30 ? 50 HOH A O     1 
HETATM 251 O O     . HOH D 3 .  ? 5.126   6.776   -8.267  0.50 19.36 ? 51 HOH A O     1 
HETATM 252 O O     . HOH D 3 .  ? 1.675   -7.508  -2.521  0.50 24.88 ? 52 HOH A O     1 
HETATM 253 O O     . HOH D 3 .  ? 3.681   -5.803  -4.610  0.50 32.96 ? 53 HOH A O     1 
# 
